data_3HXA
#
_entry.id   3HXA
#
_cell.length_a   103.805
_cell.length_b   103.805
_cell.length_c   193.629
_cell.angle_alpha   90.000
_cell.angle_beta   90.000
_cell.angle_gamma   120.000
#
_symmetry.space_group_name_H-M   'P 32 2 1'
#
loop_
_entity.id
_entity.type
_entity.pdbx_description
1 polymer 'Pterin-4-alpha-carbinolamine dehydratase'
2 non-polymer 'SULFATE ION'
3 non-polymer GLYCEROL
4 water water
#
_entity_poly.entity_id   1
_entity_poly.type   'polypeptide(L)'
_entity_poly.pdbx_seq_one_letter_code
;MAGKAHRLSAEERDQLLPNLRAVGWNELEGRDAIFKQFHFKDFNRAFGFMSRVALQAEKLDHHPEWFNVYNKVHITLSTH
ECAGLSERDINLASFIEQVAVSMT
;
_entity_poly.pdbx_strand_id   A,B,C,D,E,F,G,H
#
loop_
_chem_comp.id
_chem_comp.type
_chem_comp.name
_chem_comp.formula
GOL non-polymer GLYCEROL 'C3 H8 O3'
SO4 non-polymer 'SULFATE ION' 'O4 S -2'
#
# COMPACT_ATOMS: atom_id res chain seq x y z
N ALA A 5 -5.67 21.08 -12.91
CA ALA A 5 -5.64 22.54 -13.20
C ALA A 5 -4.28 23.15 -12.86
N HIS A 6 -3.71 22.73 -11.74
CA HIS A 6 -2.41 23.27 -11.34
C HIS A 6 -1.40 22.19 -10.93
N ARG A 7 -0.17 22.38 -11.38
CA ARG A 7 0.93 21.47 -11.12
C ARG A 7 1.26 21.40 -9.63
N LEU A 8 1.55 20.20 -9.13
CA LEU A 8 1.88 19.99 -7.72
C LEU A 8 3.13 20.72 -7.26
N SER A 9 3.04 21.39 -6.13
CA SER A 9 4.17 22.11 -5.56
C SER A 9 5.14 21.12 -4.94
N ALA A 10 6.20 21.63 -4.33
CA ALA A 10 7.19 20.76 -3.69
C ALA A 10 6.58 20.11 -2.45
N GLU A 11 5.81 20.90 -1.70
CA GLU A 11 5.16 20.42 -0.49
C GLU A 11 4.12 19.36 -0.83
N GLU A 12 3.28 19.65 -1.82
CA GLU A 12 2.25 18.71 -2.23
C GLU A 12 2.88 17.39 -2.66
N ARG A 13 3.98 17.48 -3.39
CA ARG A 13 4.67 16.29 -3.86
C ARG A 13 5.20 15.46 -2.70
N ASP A 14 5.70 16.12 -1.65
CA ASP A 14 6.22 15.42 -0.49
C ASP A 14 5.09 14.81 0.34
N GLN A 15 3.95 15.48 0.36
CA GLN A 15 2.81 15.01 1.15
C GLN A 15 1.86 14.07 0.42
N LEU A 16 1.94 14.02 -0.91
CA LEU A 16 1.01 13.18 -1.66
C LEU A 16 1.59 11.93 -2.34
N LEU A 17 2.89 11.90 -2.57
CA LEU A 17 3.51 10.77 -3.24
C LEU A 17 3.96 9.58 -2.38
N PRO A 18 4.07 9.74 -1.04
CA PRO A 18 4.51 8.62 -0.22
C PRO A 18 3.75 7.31 -0.40
N ASN A 19 2.45 7.31 -0.10
CA ASN A 19 1.67 6.08 -0.25
C ASN A 19 1.82 5.50 -1.65
N LEU A 20 2.10 6.36 -2.63
CA LEU A 20 2.25 5.90 -4.01
C LEU A 20 3.63 5.30 -4.29
N ARG A 21 4.69 5.99 -3.87
CA ARG A 21 6.03 5.47 -4.08
C ARG A 21 6.19 4.14 -3.33
N ALA A 22 5.57 4.06 -2.16
CA ALA A 22 5.64 2.86 -1.33
C ALA A 22 5.03 1.64 -2.02
N VAL A 23 4.14 1.87 -2.98
CA VAL A 23 3.52 0.77 -3.68
C VAL A 23 4.05 0.56 -5.10
N GLY A 24 5.15 1.23 -5.43
CA GLY A 24 5.73 1.03 -6.75
C GLY A 24 5.67 2.14 -7.77
N TRP A 25 5.01 3.26 -7.47
CA TRP A 25 4.96 4.35 -8.43
C TRP A 25 6.25 5.15 -8.35
N ASN A 26 6.77 5.54 -9.50
CA ASN A 26 8.01 6.32 -9.56
C ASN A 26 7.86 7.47 -10.55
N GLU A 27 8.52 8.58 -10.27
CA GLU A 27 8.47 9.74 -11.16
C GLU A 27 9.43 9.50 -12.32
N LEU A 28 9.01 9.90 -13.52
CA LEU A 28 9.86 9.73 -14.69
C LEU A 28 10.98 10.76 -14.63
N GLU A 29 12.02 10.57 -15.43
CA GLU A 29 13.14 11.49 -15.41
C GLU A 29 13.05 12.61 -16.44
N GLY A 30 12.58 12.29 -17.64
CA GLY A 30 12.49 13.30 -18.68
C GLY A 30 11.22 14.12 -18.69
N ARG A 31 10.26 13.77 -17.85
CA ARG A 31 9.00 14.50 -17.80
C ARG A 31 8.38 14.43 -16.41
N ASP A 32 7.47 15.35 -16.13
CA ASP A 32 6.80 15.39 -14.83
C ASP A 32 5.58 14.47 -14.91
N ALA A 33 5.79 13.21 -14.51
CA ALA A 33 4.75 12.20 -14.55
C ALA A 33 5.18 11.02 -13.70
N ILE A 34 4.22 10.20 -13.27
CA ILE A 34 4.55 9.01 -12.48
C ILE A 34 4.22 7.77 -13.28
N PHE A 35 4.98 6.71 -13.03
CA PHE A 35 4.82 5.46 -13.75
C PHE A 35 4.83 4.23 -12.84
N LYS A 36 4.12 3.18 -13.27
CA LYS A 36 4.08 1.92 -12.55
C LYS A 36 3.63 0.78 -13.44
N GLN A 37 4.31 -0.35 -13.29
CA GLN A 37 3.97 -1.54 -14.05
C GLN A 37 3.13 -2.45 -13.16
N PHE A 38 2.02 -2.93 -13.71
CA PHE A 38 1.15 -3.84 -12.97
C PHE A 38 1.21 -5.20 -13.63
N HIS A 39 1.20 -6.25 -12.79
CA HIS A 39 1.26 -7.62 -13.28
C HIS A 39 0.11 -8.41 -12.66
N PHE A 40 -0.72 -9.01 -13.52
CA PHE A 40 -1.84 -9.80 -13.05
C PHE A 40 -1.65 -11.26 -13.44
N LYS A 41 -2.50 -12.13 -12.93
CA LYS A 41 -2.39 -13.55 -13.24
C LYS A 41 -2.67 -13.81 -14.70
N ASP A 42 -3.64 -13.10 -15.26
CA ASP A 42 -4.02 -13.29 -16.66
C ASP A 42 -4.63 -12.04 -17.27
N PHE A 43 -5.05 -12.17 -18.53
CA PHE A 43 -5.67 -11.07 -19.27
C PHE A 43 -7.07 -10.76 -18.75
N ASN A 44 -7.79 -11.80 -18.32
CA ASN A 44 -9.13 -11.58 -17.80
C ASN A 44 -9.07 -10.56 -16.67
N ARG A 45 -8.12 -10.73 -15.76
CA ARG A 45 -7.97 -9.80 -14.65
C ARG A 45 -7.36 -8.49 -15.12
N ALA A 46 -6.41 -8.56 -16.03
CA ALA A 46 -5.76 -7.35 -16.54
C ALA A 46 -6.77 -6.44 -17.23
N PHE A 47 -7.63 -7.02 -18.07
CA PHE A 47 -8.61 -6.18 -18.74
C PHE A 47 -9.77 -5.79 -17.82
N GLY A 48 -10.06 -6.61 -16.82
CA GLY A 48 -11.13 -6.26 -15.89
C GLY A 48 -10.68 -5.02 -15.15
N PHE A 49 -9.38 -4.99 -14.84
CA PHE A 49 -8.73 -3.88 -14.16
C PHE A 49 -8.85 -2.65 -15.05
N MET A 50 -8.48 -2.80 -16.32
CA MET A 50 -8.55 -1.67 -17.24
C MET A 50 -9.98 -1.17 -17.39
N SER A 51 -10.96 -2.07 -17.41
CA SER A 51 -12.35 -1.67 -17.54
C SER A 51 -12.79 -0.79 -16.36
N ARG A 52 -12.39 -1.16 -15.15
CA ARG A 52 -12.79 -0.34 -14.01
C ARG A 52 -12.07 1.00 -14.02
N VAL A 53 -10.81 1.01 -14.43
CA VAL A 53 -10.06 2.26 -14.50
C VAL A 53 -10.64 3.14 -15.62
N ALA A 54 -11.06 2.52 -16.71
CA ALA A 54 -11.64 3.28 -17.84
C ALA A 54 -12.92 4.00 -17.42
N LEU A 55 -13.75 3.33 -16.65
CA LEU A 55 -14.98 3.96 -16.16
C LEU A 55 -14.66 5.19 -15.31
N GLN A 56 -13.67 5.07 -14.44
CA GLN A 56 -13.30 6.17 -13.57
C GLN A 56 -12.64 7.30 -14.38
N ALA A 57 -11.95 6.94 -15.45
CA ALA A 57 -11.30 7.94 -16.29
C ALA A 57 -12.34 8.85 -16.92
N GLU A 58 -13.45 8.26 -17.37
CA GLU A 58 -14.52 9.05 -17.98
C GLU A 58 -15.27 9.82 -16.91
N LYS A 59 -15.41 9.25 -15.72
CA LYS A 59 -16.09 9.94 -14.64
C LYS A 59 -15.30 11.20 -14.26
N LEU A 60 -13.98 11.08 -14.24
CA LEU A 60 -13.11 12.20 -13.86
C LEU A 60 -12.56 13.01 -15.01
N ASP A 61 -12.72 12.50 -16.23
CA ASP A 61 -12.19 13.15 -17.42
C ASP A 61 -10.68 13.31 -17.26
N HIS A 62 -10.02 12.21 -16.92
CA HIS A 62 -8.57 12.19 -16.74
C HIS A 62 -8.18 10.78 -17.15
N HIS A 63 -7.42 10.68 -18.23
CA HIS A 63 -7.06 9.39 -18.78
C HIS A 63 -5.62 8.97 -18.65
N PRO A 64 -5.37 7.67 -18.51
CA PRO A 64 -4.02 7.15 -18.37
C PRO A 64 -3.36 6.88 -19.70
N GLU A 65 -2.04 6.79 -19.67
CA GLU A 65 -1.26 6.42 -20.84
C GLU A 65 -0.94 5.01 -20.41
N TRP A 66 -1.46 4.01 -21.12
CA TRP A 66 -1.15 2.65 -20.73
C TRP A 66 -0.90 1.67 -21.86
N PHE A 67 0.00 0.74 -21.57
CA PHE A 67 0.38 -0.30 -22.50
C PHE A 67 0.00 -1.63 -21.87
N ASN A 68 -0.61 -2.49 -22.66
CA ASN A 68 -1.03 -3.80 -22.18
C ASN A 68 -0.59 -4.91 -23.13
N VAL A 69 -0.08 -5.98 -22.54
CA VAL A 69 0.30 -7.17 -23.28
C VAL A 69 -0.08 -8.33 -22.35
N TYR A 70 -1.20 -8.96 -22.68
CA TYR A 70 -1.74 -10.07 -21.91
C TYR A 70 -2.00 -9.71 -20.45
N ASN A 71 -1.17 -10.21 -19.53
CA ASN A 71 -1.38 -9.97 -18.11
C ASN A 71 -0.65 -8.76 -17.53
N LYS A 72 0.07 -8.03 -18.38
CA LYS A 72 0.83 -6.87 -17.90
C LYS A 72 0.25 -5.54 -18.37
N VAL A 73 0.24 -4.56 -17.48
CA VAL A 73 -0.26 -3.23 -17.81
C VAL A 73 0.69 -2.17 -17.27
N HIS A 74 1.31 -1.41 -18.17
CA HIS A 74 2.23 -0.34 -17.77
C HIS A 74 1.46 0.97 -17.81
N ILE A 75 1.45 1.68 -16.69
CA ILE A 75 0.71 2.95 -16.62
C ILE A 75 1.55 4.18 -16.32
N THR A 76 1.31 5.24 -17.10
CA THR A 76 1.99 6.53 -16.91
C THR A 76 0.90 7.58 -16.70
N LEU A 77 1.05 8.40 -15.68
CA LEU A 77 0.06 9.44 -15.38
C LEU A 77 0.63 10.85 -15.30
N SER A 78 -0.03 11.79 -15.98
N SER A 78 -0.04 11.79 -15.96
CA SER A 78 0.37 13.19 -15.96
CA SER A 78 0.35 13.20 -15.94
C SER A 78 -0.83 14.01 -16.45
C SER A 78 -0.84 14.01 -16.42
N THR A 79 -0.87 15.29 -16.06
CA THR A 79 -1.97 16.16 -16.45
C THR A 79 -1.57 17.08 -17.60
N HIS A 80 -2.27 16.94 -18.72
CA HIS A 80 -1.99 17.75 -19.90
C HIS A 80 -2.31 19.22 -19.68
N GLU A 81 -3.39 19.50 -18.98
CA GLU A 81 -3.82 20.88 -18.72
C GLU A 81 -2.74 21.74 -18.06
N CYS A 82 -1.96 21.15 -17.16
CA CYS A 82 -0.91 21.91 -16.47
C CYS A 82 0.49 21.41 -16.82
N ALA A 83 0.59 20.53 -17.81
CA ALA A 83 1.86 19.98 -18.26
C ALA A 83 2.70 19.35 -17.14
N GLY A 84 2.07 18.51 -16.32
CA GLY A 84 2.80 17.87 -15.25
C GLY A 84 1.89 17.17 -14.25
N LEU A 85 2.45 16.77 -13.11
CA LEU A 85 1.68 16.10 -12.09
C LEU A 85 0.73 17.05 -11.34
N SER A 86 -0.50 16.62 -11.18
CA SER A 86 -1.52 17.40 -10.47
C SER A 86 -2.27 16.44 -9.56
N GLU A 87 -3.16 16.94 -8.72
CA GLU A 87 -3.93 16.08 -7.85
C GLU A 87 -4.77 15.06 -8.63
N ARG A 88 -5.09 15.37 -9.89
CA ARG A 88 -5.88 14.46 -10.69
C ARG A 88 -5.12 13.16 -10.86
N ASP A 89 -3.80 13.26 -10.92
CA ASP A 89 -2.95 12.09 -11.08
C ASP A 89 -2.85 11.32 -9.76
N ILE A 90 -2.77 12.05 -8.66
CA ILE A 90 -2.69 11.43 -7.35
C ILE A 90 -3.99 10.65 -7.12
N ASN A 91 -5.11 11.30 -7.41
CA ASN A 91 -6.42 10.69 -7.24
C ASN A 91 -6.65 9.46 -8.11
N LEU A 92 -6.27 9.53 -9.38
CA LEU A 92 -6.46 8.37 -10.24
C LEU A 92 -5.51 7.23 -9.88
N ALA A 93 -4.27 7.55 -9.53
CA ALA A 93 -3.33 6.50 -9.15
C ALA A 93 -3.84 5.79 -7.90
N SER A 94 -4.39 6.57 -6.97
CA SER A 94 -4.92 6.00 -5.73
C SER A 94 -6.10 5.08 -6.04
N PHE A 95 -6.95 5.50 -6.98
CA PHE A 95 -8.08 4.68 -7.36
C PHE A 95 -7.56 3.43 -8.06
N ILE A 96 -6.55 3.59 -8.90
CA ILE A 96 -5.97 2.45 -9.61
C ILE A 96 -5.48 1.37 -8.64
N GLU A 97 -4.86 1.80 -7.55
CA GLU A 97 -4.36 0.86 -6.55
C GLU A 97 -5.52 0.08 -5.93
N GLN A 98 -6.62 0.76 -5.66
CA GLN A 98 -7.79 0.11 -5.07
C GLN A 98 -8.33 -0.96 -6.00
N VAL A 99 -8.39 -0.65 -7.30
CA VAL A 99 -8.88 -1.60 -8.27
C VAL A 99 -7.93 -2.79 -8.39
N ALA A 100 -6.62 -2.51 -8.43
CA ALA A 100 -5.63 -3.57 -8.56
C ALA A 100 -5.77 -4.60 -7.45
N VAL A 101 -6.23 -4.15 -6.28
CA VAL A 101 -6.43 -5.05 -5.14
C VAL A 101 -7.55 -6.04 -5.41
N SER A 102 -8.63 -5.55 -6.01
CA SER A 102 -9.79 -6.39 -6.31
C SER A 102 -9.50 -7.35 -7.45
N MET A 103 -8.38 -7.15 -8.15
CA MET A 103 -8.02 -8.01 -9.26
C MET A 103 -6.94 -9.01 -8.87
N THR A 104 -7.16 -9.68 -7.74
CA THR A 104 -6.22 -10.68 -7.23
C THR A 104 -4.97 -10.02 -6.68
N ALA B 5 0.52 -23.52 -34.08
CA ALA B 5 0.89 -22.21 -34.69
C ALA B 5 2.14 -22.36 -35.58
N HIS B 6 2.03 -21.86 -36.80
CA HIS B 6 3.14 -21.92 -37.74
C HIS B 6 3.31 -20.57 -38.42
N ARG B 7 4.56 -20.09 -38.48
CA ARG B 7 4.83 -18.82 -39.11
C ARG B 7 4.34 -18.84 -40.55
N LEU B 8 3.78 -17.72 -41.00
CA LEU B 8 3.28 -17.62 -42.36
C LEU B 8 4.40 -17.79 -43.38
N SER B 9 4.14 -18.60 -44.40
CA SER B 9 5.12 -18.82 -45.46
C SER B 9 5.10 -17.61 -46.38
N ALA B 10 6.19 -17.40 -47.11
CA ALA B 10 6.28 -16.27 -48.04
C ALA B 10 5.05 -16.20 -48.94
N GLU B 11 4.52 -17.36 -49.31
CA GLU B 11 3.36 -17.44 -50.17
C GLU B 11 2.11 -16.93 -49.45
N GLU B 12 1.99 -17.25 -48.17
CA GLU B 12 0.85 -16.82 -47.37
C GLU B 12 0.91 -15.33 -47.10
N ARG B 13 2.12 -14.82 -46.87
CA ARG B 13 2.31 -13.40 -46.59
C ARG B 13 1.95 -12.53 -47.78
N ASP B 14 2.29 -12.99 -48.98
CA ASP B 14 1.98 -12.23 -50.19
C ASP B 14 0.48 -12.28 -50.46
N GLN B 15 -0.18 -13.30 -49.92
CA GLN B 15 -1.61 -13.47 -50.13
C GLN B 15 -2.48 -12.87 -49.03
N LEU B 16 -1.98 -12.85 -47.81
CA LEU B 16 -2.76 -12.36 -46.68
C LEU B 16 -2.45 -10.94 -46.17
N LEU B 17 -1.22 -10.49 -46.35
CA LEU B 17 -0.85 -9.16 -45.86
C LEU B 17 -1.29 -7.94 -46.69
N PRO B 18 -1.22 -8.01 -48.03
CA PRO B 18 -1.63 -6.87 -48.83
C PRO B 18 -2.95 -6.18 -48.45
N ASN B 19 -4.00 -6.95 -48.19
CA ASN B 19 -5.27 -6.34 -47.81
C ASN B 19 -5.18 -5.60 -46.47
N LEU B 20 -4.32 -6.09 -45.57
CA LEU B 20 -4.15 -5.44 -44.28
C LEU B 20 -3.30 -4.19 -44.45
N ARG B 21 -2.25 -4.29 -45.25
CA ARG B 21 -1.39 -3.14 -45.49
C ARG B 21 -2.16 -2.01 -46.18
N ALA B 22 -3.15 -2.39 -46.98
CA ALA B 22 -3.94 -1.40 -47.69
C ALA B 22 -4.80 -0.53 -46.77
N VAL B 23 -5.00 -0.97 -45.53
CA VAL B 23 -5.78 -0.17 -44.59
C VAL B 23 -4.96 0.36 -43.41
N GLY B 24 -3.63 0.29 -43.53
CA GLY B 24 -2.80 0.82 -42.47
C GLY B 24 -1.83 -0.07 -41.72
N TRP B 25 -1.93 -1.39 -41.88
CA TRP B 25 -1.01 -2.28 -41.18
C TRP B 25 0.33 -2.39 -41.90
N ASN B 26 1.41 -2.39 -41.13
CA ASN B 26 2.75 -2.49 -41.70
C ASN B 26 3.64 -3.37 -40.83
N GLU B 27 4.50 -4.15 -41.48
CA GLU B 27 5.40 -5.03 -40.74
C GLU B 27 6.49 -4.23 -40.03
N LEU B 28 6.96 -4.76 -38.90
CA LEU B 28 8.01 -4.10 -38.13
C LEU B 28 9.37 -4.54 -38.69
N GLU B 29 10.37 -3.68 -38.56
CA GLU B 29 11.71 -3.96 -39.07
C GLU B 29 12.41 -5.12 -38.36
N GLY B 30 12.83 -4.89 -37.12
CA GLY B 30 13.55 -5.93 -36.40
C GLY B 30 12.68 -6.99 -35.74
N ARG B 31 11.51 -7.26 -36.30
CA ARG B 31 10.61 -8.24 -35.71
C ARG B 31 9.54 -8.68 -36.68
N ASP B 32 9.19 -9.96 -36.63
CA ASP B 32 8.16 -10.52 -37.50
C ASP B 32 6.79 -10.23 -36.88
N ALA B 33 6.30 -9.02 -37.07
CA ALA B 33 5.01 -8.62 -36.54
C ALA B 33 4.43 -7.44 -37.32
N ILE B 34 3.12 -7.25 -37.22
CA ILE B 34 2.47 -6.14 -37.91
C ILE B 34 1.97 -5.11 -36.89
N PHE B 35 1.95 -3.86 -37.30
CA PHE B 35 1.57 -2.75 -36.44
C PHE B 35 0.64 -1.75 -37.15
N LYS B 36 -0.26 -1.14 -36.39
CA LYS B 36 -1.15 -0.12 -36.93
C LYS B 36 -1.63 0.81 -35.82
N GLN B 37 -1.74 2.08 -36.14
CA GLN B 37 -2.21 3.08 -35.18
C GLN B 37 -3.66 3.39 -35.52
N PHE B 38 -4.50 3.49 -34.49
CA PHE B 38 -5.90 3.81 -34.67
C PHE B 38 -6.18 5.14 -33.97
N HIS B 39 -6.99 5.98 -34.62
CA HIS B 39 -7.31 7.27 -34.08
C HIS B 39 -8.82 7.51 -34.07
N PHE B 40 -9.42 7.51 -32.88
CA PHE B 40 -10.85 7.72 -32.76
C PHE B 40 -11.13 9.13 -32.28
N LYS B 41 -12.40 9.51 -32.23
CA LYS B 41 -12.77 10.86 -31.82
C LYS B 41 -12.59 11.10 -30.33
N ASP B 42 -12.84 10.07 -29.52
CA ASP B 42 -12.72 10.20 -28.08
C ASP B 42 -12.36 8.87 -27.41
N PHE B 43 -12.26 8.89 -26.08
CA PHE B 43 -11.93 7.69 -25.33
C PHE B 43 -13.10 6.71 -25.29
N ASN B 44 -14.31 7.24 -25.23
CA ASN B 44 -15.49 6.37 -25.20
C ASN B 44 -15.42 5.39 -26.39
N ARG B 45 -15.12 5.91 -27.56
CA ARG B 45 -15.02 5.07 -28.74
C ARG B 45 -13.76 4.19 -28.69
N ALA B 46 -12.62 4.77 -28.33
CA ALA B 46 -11.39 3.99 -28.28
C ALA B 46 -11.52 2.81 -27.31
N PHE B 47 -12.09 3.05 -26.13
CA PHE B 47 -12.20 1.94 -25.19
C PHE B 47 -13.30 0.95 -25.58
N GLY B 48 -14.36 1.45 -26.21
CA GLY B 48 -15.40 0.55 -26.66
C GLY B 48 -14.77 -0.38 -27.68
N PHE B 49 -13.88 0.17 -28.51
CA PHE B 49 -13.15 -0.58 -29.53
C PHE B 49 -12.28 -1.64 -28.83
N MET B 50 -11.56 -1.21 -27.81
CA MET B 50 -10.70 -2.12 -27.06
C MET B 50 -11.52 -3.23 -26.41
N SER B 51 -12.67 -2.89 -25.84
CA SER B 51 -13.51 -3.90 -25.20
C SER B 51 -13.89 -5.02 -26.16
N ARG B 52 -14.33 -4.65 -27.36
CA ARG B 52 -14.70 -5.67 -28.34
C ARG B 52 -13.49 -6.51 -28.77
N VAL B 53 -12.33 -5.89 -28.91
CA VAL B 53 -11.14 -6.63 -29.29
C VAL B 53 -10.73 -7.55 -28.15
N ALA B 54 -10.87 -7.07 -26.91
CA ALA B 54 -10.52 -7.85 -25.73
C ALA B 54 -11.35 -9.14 -25.67
N LEU B 55 -12.65 -9.03 -25.95
CA LEU B 55 -13.53 -10.19 -25.93
C LEU B 55 -13.04 -11.23 -26.93
N GLN B 56 -12.70 -10.77 -28.13
CA GLN B 56 -12.23 -11.66 -29.18
C GLN B 56 -10.87 -12.25 -28.83
N ALA B 57 -10.03 -11.46 -28.17
CA ALA B 57 -8.72 -11.92 -27.77
C ALA B 57 -8.86 -13.15 -26.87
N GLU B 58 -9.85 -13.12 -25.99
CA GLU B 58 -10.08 -14.24 -25.08
C GLU B 58 -10.70 -15.43 -25.79
N LYS B 59 -11.55 -15.17 -26.77
CA LYS B 59 -12.20 -16.25 -27.52
C LYS B 59 -11.15 -17.00 -28.34
N LEU B 60 -10.24 -16.26 -28.96
CA LEU B 60 -9.20 -16.83 -29.81
C LEU B 60 -7.92 -17.15 -29.02
N ASP B 61 -7.87 -16.66 -27.79
CA ASP B 61 -6.70 -16.85 -26.94
C ASP B 61 -5.44 -16.34 -27.65
N HIS B 62 -5.56 -15.15 -28.24
CA HIS B 62 -4.47 -14.50 -28.95
C HIS B 62 -4.64 -13.04 -28.57
N HIS B 63 -3.63 -12.47 -27.89
CA HIS B 63 -3.74 -11.10 -27.42
C HIS B 63 -2.82 -10.08 -28.08
N PRO B 64 -3.32 -8.84 -28.18
CA PRO B 64 -2.54 -7.77 -28.80
C PRO B 64 -1.55 -7.12 -27.84
N GLU B 65 -0.54 -6.46 -28.40
CA GLU B 65 0.41 -5.72 -27.59
C GLU B 65 -0.09 -4.32 -27.96
N TRP B 66 -0.78 -3.66 -27.05
CA TRP B 66 -1.32 -2.36 -27.39
C TRP B 66 -1.19 -1.24 -26.37
N PHE B 67 -1.15 -0.03 -26.91
CA PHE B 67 -1.04 1.18 -26.10
C PHE B 67 -2.21 2.10 -26.36
N ASN B 68 -2.69 2.74 -25.31
CA ASN B 68 -3.80 3.68 -25.45
C ASN B 68 -3.60 4.92 -24.59
N VAL B 69 -3.99 6.04 -25.14
CA VAL B 69 -3.96 7.31 -24.43
C VAL B 69 -5.12 8.07 -25.05
N TYR B 70 -6.17 8.23 -24.26
CA TYR B 70 -7.40 8.90 -24.68
C TYR B 70 -7.97 8.28 -25.96
N ASN B 71 -7.98 9.03 -27.04
CA ASN B 71 -8.54 8.56 -28.31
C ASN B 71 -7.61 7.78 -29.25
N LYS B 72 -6.38 7.52 -28.80
CA LYS B 72 -5.42 6.79 -29.63
C LYS B 72 -5.17 5.38 -29.14
N VAL B 73 -5.10 4.44 -30.09
CA VAL B 73 -4.81 3.06 -29.78
C VAL B 73 -3.80 2.52 -30.79
N HIS B 74 -2.66 2.06 -30.31
CA HIS B 74 -1.63 1.50 -31.17
C HIS B 74 -1.55 0.01 -30.92
N ILE B 75 -1.57 -0.78 -32.00
CA ILE B 75 -1.56 -2.23 -31.86
C ILE B 75 -0.48 -2.97 -32.64
N THR B 76 0.21 -3.88 -31.94
CA THR B 76 1.23 -4.71 -32.56
C THR B 76 0.77 -6.16 -32.42
N LEU B 77 0.89 -6.93 -33.49
CA LEU B 77 0.46 -8.33 -33.47
C LEU B 77 1.53 -9.30 -33.93
N SER B 78 1.69 -10.39 -33.19
CA SER B 78 2.66 -11.44 -33.50
C SER B 78 2.33 -12.67 -32.64
N THR B 79 2.71 -13.85 -33.12
CA THR B 79 2.43 -15.08 -32.39
C THR B 79 3.64 -15.61 -31.63
N HIS B 80 3.54 -15.61 -30.30
CA HIS B 80 4.63 -16.08 -29.44
C HIS B 80 4.97 -17.55 -29.68
N GLU B 81 3.94 -18.38 -29.76
CA GLU B 81 4.12 -19.81 -29.98
C GLU B 81 5.13 -20.13 -31.07
N CYS B 82 4.96 -19.51 -32.23
CA CYS B 82 5.86 -19.75 -33.36
C CYS B 82 6.84 -18.60 -33.59
N ALA B 83 6.93 -17.71 -32.61
CA ALA B 83 7.82 -16.55 -32.69
C ALA B 83 7.75 -15.85 -34.04
N GLY B 84 6.58 -15.30 -34.37
CA GLY B 84 6.41 -14.61 -35.63
C GLY B 84 4.95 -14.54 -36.06
N LEU B 85 4.72 -14.02 -37.25
CA LEU B 85 3.37 -13.89 -37.78
C LEU B 85 2.74 -15.24 -38.13
N SER B 86 1.47 -15.39 -37.77
CA SER B 86 0.74 -16.62 -38.07
C SER B 86 -0.67 -16.24 -38.48
N GLU B 87 -1.49 -17.23 -38.80
CA GLU B 87 -2.86 -16.99 -39.21
C GLU B 87 -3.63 -16.29 -38.08
N ARG B 88 -3.18 -16.51 -36.85
CA ARG B 88 -3.82 -15.89 -35.68
C ARG B 88 -3.76 -14.38 -35.78
N ASP B 89 -2.60 -13.86 -36.18
CA ASP B 89 -2.42 -12.43 -36.31
C ASP B 89 -3.28 -11.89 -37.46
N ILE B 90 -3.30 -12.63 -38.57
CA ILE B 90 -4.09 -12.23 -39.72
C ILE B 90 -5.57 -12.22 -39.33
N ASN B 91 -5.99 -13.24 -38.61
CA ASN B 91 -7.39 -13.34 -38.19
C ASN B 91 -7.77 -12.22 -37.23
N LEU B 92 -6.95 -11.98 -36.20
CA LEU B 92 -7.25 -10.92 -35.24
C LEU B 92 -7.19 -9.54 -35.90
N ALA B 93 -6.24 -9.34 -36.81
CA ALA B 93 -6.13 -8.06 -37.50
C ALA B 93 -7.40 -7.79 -38.29
N SER B 94 -7.88 -8.81 -39.00
N SER B 94 -7.88 -8.82 -39.00
CA SER B 94 -9.10 -8.70 -39.80
CA SER B 94 -9.10 -8.68 -39.79
C SER B 94 -10.29 -8.37 -38.91
C SER B 94 -10.29 -8.35 -38.90
N PHE B 95 -10.36 -9.00 -37.74
CA PHE B 95 -11.44 -8.76 -36.79
C PHE B 95 -11.35 -7.33 -36.30
N ILE B 96 -10.14 -6.91 -35.92
CA ILE B 96 -9.91 -5.55 -35.44
C ILE B 96 -10.41 -4.53 -36.46
N GLU B 97 -10.14 -4.78 -37.74
CA GLU B 97 -10.59 -3.85 -38.79
C GLU B 97 -12.11 -3.78 -38.83
N GLN B 98 -12.76 -4.91 -38.62
CA GLN B 98 -14.22 -4.94 -38.63
C GLN B 98 -14.75 -4.05 -37.51
N VAL B 99 -14.12 -4.12 -36.34
CA VAL B 99 -14.57 -3.31 -35.21
C VAL B 99 -14.27 -1.82 -35.40
N ALA B 100 -13.09 -1.52 -35.89
CA ALA B 100 -12.65 -0.14 -36.10
C ALA B 100 -13.53 0.71 -37.02
N VAL B 101 -13.94 0.15 -38.14
CA VAL B 101 -14.75 0.89 -39.10
C VAL B 101 -16.10 1.33 -38.54
N SER B 102 -16.55 0.68 -37.47
CA SER B 102 -17.83 1.04 -36.87
C SER B 102 -17.61 2.16 -35.86
N MET B 103 -16.36 2.35 -35.46
CA MET B 103 -16.00 3.37 -34.48
C MET B 103 -15.68 4.71 -35.16
N HIS C 6 -25.27 -31.66 -22.63
CA HIS C 6 -26.44 -32.45 -22.14
C HIS C 6 -26.95 -31.90 -20.82
N ARG C 7 -28.26 -32.05 -20.60
CA ARG C 7 -28.91 -31.58 -19.39
C ARG C 7 -28.45 -32.43 -18.21
N LEU C 8 -28.19 -31.78 -17.07
CA LEU C 8 -27.73 -32.48 -15.88
C LEU C 8 -28.75 -33.48 -15.35
N SER C 9 -28.26 -34.64 -14.91
CA SER C 9 -29.12 -35.67 -14.35
C SER C 9 -29.36 -35.34 -12.88
N ALA C 10 -30.30 -36.03 -12.25
CA ALA C 10 -30.59 -35.80 -10.85
C ALA C 10 -29.32 -35.99 -10.02
N GLU C 11 -28.52 -36.98 -10.38
CA GLU C 11 -27.29 -37.26 -9.67
C GLU C 11 -26.24 -36.16 -9.85
N GLU C 12 -26.11 -35.66 -11.07
CA GLU C 12 -25.15 -34.60 -11.34
C GLU C 12 -25.51 -33.33 -10.59
N ARG C 13 -26.80 -33.03 -10.51
CA ARG C 13 -27.25 -31.84 -9.80
C ARG C 13 -26.92 -31.95 -8.32
N ASP C 14 -27.06 -33.16 -7.77
CA ASP C 14 -26.77 -33.37 -6.36
C ASP C 14 -25.27 -33.27 -6.10
N GLN C 15 -24.47 -33.53 -7.14
CA GLN C 15 -23.03 -33.47 -7.01
C GLN C 15 -22.44 -32.11 -7.38
N LEU C 16 -23.18 -31.29 -8.13
CA LEU C 16 -22.66 -30.00 -8.57
C LEU C 16 -23.35 -28.75 -8.04
N LEU C 17 -24.61 -28.85 -7.64
CA LEU C 17 -25.33 -27.68 -7.15
C LEU C 17 -25.16 -27.29 -5.68
N PRO C 18 -25.04 -28.27 -4.77
CA PRO C 18 -24.86 -27.94 -3.35
C PRO C 18 -23.88 -26.80 -3.06
N ASN C 19 -22.67 -26.90 -3.58
CA ASN C 19 -21.68 -25.85 -3.34
C ASN C 19 -22.16 -24.48 -3.80
N LEU C 20 -22.91 -24.44 -4.90
CA LEU C 20 -23.43 -23.17 -5.41
C LEU C 20 -24.61 -22.71 -4.57
N ARG C 21 -25.48 -23.64 -4.21
CA ARG C 21 -26.65 -23.29 -3.41
C ARG C 21 -26.19 -22.73 -2.06
N ALA C 22 -25.03 -23.21 -1.59
CA ALA C 22 -24.47 -22.77 -0.32
C ALA C 22 -24.05 -21.30 -0.34
N VAL C 23 -23.77 -20.77 -1.52
CA VAL C 23 -23.37 -19.37 -1.62
C VAL C 23 -24.44 -18.45 -2.19
N GLY C 24 -25.68 -18.92 -2.21
CA GLY C 24 -26.75 -18.08 -2.70
C GLY C 24 -27.45 -18.41 -4.00
N TRP C 25 -26.99 -19.42 -4.74
CA TRP C 25 -27.64 -19.77 -5.98
C TRP C 25 -28.87 -20.63 -5.70
N ASN C 26 -29.95 -20.36 -6.43
CA ASN C 26 -31.19 -21.10 -6.27
C ASN C 26 -31.78 -21.43 -7.63
N GLU C 27 -32.50 -22.54 -7.70
CA GLU C 27 -33.12 -22.95 -8.94
C GLU C 27 -34.41 -22.16 -9.12
N LEU C 28 -34.69 -21.75 -10.35
CA LEU C 28 -35.90 -21.00 -10.66
C LEU C 28 -37.11 -21.92 -10.68
N GLU C 29 -38.25 -21.38 -10.27
CA GLU C 29 -39.49 -22.15 -10.28
C GLU C 29 -40.14 -21.93 -11.65
N GLY C 30 -40.48 -23.01 -12.33
CA GLY C 30 -41.10 -22.88 -13.63
C GLY C 30 -40.11 -22.90 -14.77
N ARG C 31 -38.84 -23.12 -14.45
CA ARG C 31 -37.80 -23.15 -15.46
C ARG C 31 -36.54 -23.83 -14.92
N ASP C 32 -35.91 -24.67 -15.75
CA ASP C 32 -34.70 -25.36 -15.32
C ASP C 32 -33.49 -24.44 -15.46
N ALA C 33 -33.25 -23.64 -14.43
CA ALA C 33 -32.14 -22.70 -14.43
C ALA C 33 -31.84 -22.25 -13.01
N ILE C 34 -30.62 -21.77 -12.77
CA ILE C 34 -30.24 -21.28 -11.46
C ILE C 34 -30.05 -19.76 -11.54
N PHE C 35 -30.29 -19.08 -10.43
CA PHE C 35 -30.15 -17.64 -10.42
C PHE C 35 -29.63 -17.11 -9.09
N LYS C 36 -28.99 -15.96 -9.15
CA LYS C 36 -28.47 -15.34 -7.94
C LYS C 36 -28.38 -13.84 -8.12
N GLN C 37 -28.75 -13.11 -7.07
CA GLN C 37 -28.69 -11.67 -7.06
C GLN C 37 -27.35 -11.26 -6.43
N PHE C 38 -26.62 -10.39 -7.13
CA PHE C 38 -25.32 -9.91 -6.64
C PHE C 38 -25.47 -8.42 -6.36
N HIS C 39 -24.88 -7.96 -5.27
CA HIS C 39 -24.96 -6.56 -4.91
C HIS C 39 -23.56 -6.03 -4.63
N PHE C 40 -23.20 -4.93 -5.28
CA PHE C 40 -21.88 -4.35 -5.08
C PHE C 40 -22.01 -2.96 -4.49
N LYS C 41 -20.89 -2.34 -4.14
CA LYS C 41 -20.92 -1.01 -3.56
C LYS C 41 -21.38 0.02 -4.58
N ASP C 42 -20.91 -0.12 -5.82
CA ASP C 42 -21.28 0.82 -6.87
C ASP C 42 -21.30 0.20 -8.26
N PHE C 43 -21.61 1.04 -9.25
CA PHE C 43 -21.67 0.59 -10.64
C PHE C 43 -20.28 0.27 -11.18
N ASN C 44 -19.28 1.03 -10.76
CA ASN C 44 -17.92 0.77 -11.22
C ASN C 44 -17.55 -0.69 -10.92
N ARG C 45 -17.85 -1.13 -9.71
CA ARG C 45 -17.56 -2.51 -9.33
C ARG C 45 -18.49 -3.48 -10.06
N ALA C 46 -19.77 -3.13 -10.14
CA ALA C 46 -20.74 -3.98 -10.82
C ALA C 46 -20.36 -4.22 -12.28
N PHE C 47 -20.01 -3.16 -12.98
CA PHE C 47 -19.66 -3.33 -14.38
C PHE C 47 -18.30 -3.99 -14.56
N GLY C 48 -17.39 -3.76 -13.62
CA GLY C 48 -16.08 -4.38 -13.69
C GLY C 48 -16.28 -5.88 -13.61
N PHE C 49 -17.18 -6.27 -12.71
CA PHE C 49 -17.55 -7.67 -12.51
C PHE C 49 -18.10 -8.21 -13.83
N MET C 50 -19.05 -7.50 -14.41
CA MET C 50 -19.65 -7.92 -15.67
C MET C 50 -18.60 -8.07 -16.80
N SER C 51 -17.65 -7.16 -16.86
N SER C 51 -17.65 -7.15 -16.86
CA SER C 51 -16.64 -7.24 -17.91
CA SER C 51 -16.62 -7.22 -17.90
C SER C 51 -15.80 -8.51 -17.80
C SER C 51 -15.80 -8.51 -17.80
N ARG C 52 -15.41 -8.87 -16.58
CA ARG C 52 -14.64 -10.08 -16.39
C ARG C 52 -15.47 -11.30 -16.77
N VAL C 53 -16.75 -11.28 -16.43
CA VAL C 53 -17.63 -12.39 -16.76
C VAL C 53 -17.87 -12.41 -18.28
N ALA C 54 -17.97 -11.24 -18.89
CA ALA C 54 -18.18 -11.15 -20.34
C ALA C 54 -17.02 -11.79 -21.10
N LEU C 55 -15.80 -11.51 -20.65
CA LEU C 55 -14.61 -12.07 -21.28
C LEU C 55 -14.65 -13.60 -21.24
N GLN C 56 -14.97 -14.14 -20.06
CA GLN C 56 -15.06 -15.58 -19.86
C GLN C 56 -16.21 -16.18 -20.69
N ALA C 57 -17.30 -15.44 -20.80
CA ALA C 57 -18.45 -15.90 -21.57
C ALA C 57 -18.03 -16.15 -23.02
N GLU C 58 -17.19 -15.27 -23.56
CA GLU C 58 -16.72 -15.43 -24.93
C GLU C 58 -15.68 -16.53 -25.05
N LYS C 59 -14.88 -16.70 -24.00
CA LYS C 59 -13.85 -17.74 -24.00
C LYS C 59 -14.52 -19.13 -23.98
N LEU C 60 -15.61 -19.24 -23.24
CA LEU C 60 -16.34 -20.50 -23.10
C LEU C 60 -17.52 -20.63 -24.06
N ASP C 61 -17.91 -19.52 -24.67
CA ASP C 61 -19.05 -19.48 -25.57
C ASP C 61 -20.32 -19.94 -24.85
N HIS C 62 -20.51 -19.41 -23.65
CA HIS C 62 -21.70 -19.69 -22.85
C HIS C 62 -21.99 -18.35 -22.18
N HIS C 63 -23.20 -17.84 -22.38
CA HIS C 63 -23.54 -16.52 -21.86
C HIS C 63 -24.62 -16.44 -20.80
N PRO C 64 -24.44 -15.52 -19.85
CA PRO C 64 -25.41 -15.33 -18.77
C PRO C 64 -26.62 -14.50 -19.17
N GLU C 65 -27.72 -14.72 -18.46
CA GLU C 65 -28.92 -13.94 -18.68
C GLU C 65 -28.83 -13.01 -17.48
N TRP C 66 -28.48 -11.75 -17.71
CA TRP C 66 -28.36 -10.85 -16.57
C TRP C 66 -29.02 -9.51 -16.68
N PHE C 67 -29.41 -9.02 -15.51
CA PHE C 67 -30.06 -7.75 -15.34
C PHE C 67 -29.20 -6.89 -14.43
N ASN C 68 -28.96 -5.65 -14.83
CA ASN C 68 -28.17 -4.75 -14.02
C ASN C 68 -28.81 -3.39 -13.87
N VAL C 69 -28.77 -2.87 -12.64
CA VAL C 69 -29.27 -1.54 -12.32
C VAL C 69 -28.28 -1.00 -11.30
N TYR C 70 -27.46 -0.06 -11.74
CA TYR C 70 -26.42 0.54 -10.90
C TYR C 70 -25.53 -0.51 -10.23
N ASN C 71 -25.64 -0.66 -8.92
CA ASN C 71 -24.78 -1.60 -8.19
C ASN C 71 -25.30 -3.04 -8.07
N LYS C 72 -26.45 -3.33 -8.66
CA LYS C 72 -27.02 -4.66 -8.57
C LYS C 72 -26.93 -5.44 -9.88
N VAL C 73 -26.56 -6.72 -9.79
CA VAL C 73 -26.47 -7.59 -10.95
C VAL C 73 -27.18 -8.90 -10.63
N HIS C 74 -28.24 -9.19 -11.37
N HIS C 74 -28.25 -9.19 -11.37
CA HIS C 74 -28.99 -10.42 -11.15
CA HIS C 74 -29.01 -10.42 -11.16
C HIS C 74 -28.72 -11.35 -12.32
C HIS C 74 -28.71 -11.35 -12.32
N ILE C 75 -28.17 -12.53 -12.02
CA ILE C 75 -27.81 -13.50 -13.04
C ILE C 75 -28.60 -14.80 -13.05
N THR C 76 -29.02 -15.21 -14.25
CA THR C 76 -29.77 -16.45 -14.44
C THR C 76 -28.94 -17.28 -15.42
N LEU C 77 -28.74 -18.55 -15.10
CA LEU C 77 -27.96 -19.43 -15.95
C LEU C 77 -28.70 -20.66 -16.39
N SER C 78 -28.61 -20.98 -17.69
N SER C 78 -28.61 -20.96 -17.69
CA SER C 78 -29.25 -22.15 -18.26
CA SER C 78 -29.27 -22.12 -18.28
C SER C 78 -28.65 -22.36 -19.65
C SER C 78 -28.68 -22.34 -19.66
N THR C 79 -28.80 -23.56 -20.18
CA THR C 79 -28.26 -23.89 -21.50
C THR C 79 -29.39 -24.11 -22.50
N HIS C 80 -29.47 -23.24 -23.51
CA HIS C 80 -30.49 -23.32 -24.54
C HIS C 80 -30.49 -24.64 -25.29
N GLU C 81 -29.30 -25.07 -25.71
CA GLU C 81 -29.13 -26.31 -26.47
C GLU C 81 -29.87 -27.52 -25.88
N CYS C 82 -29.75 -27.71 -24.57
CA CYS C 82 -30.42 -28.82 -23.90
C CYS C 82 -31.62 -28.39 -23.06
N ALA C 83 -32.11 -27.19 -23.33
CA ALA C 83 -33.25 -26.64 -22.61
C ALA C 83 -33.18 -26.88 -21.11
N GLY C 84 -32.06 -26.49 -20.50
CA GLY C 84 -31.91 -26.69 -19.07
C GLY C 84 -30.48 -26.56 -18.58
N LEU C 85 -30.26 -26.87 -17.31
CA LEU C 85 -28.93 -26.79 -16.73
C LEU C 85 -27.97 -27.82 -17.30
N SER C 86 -26.72 -27.40 -17.53
CA SER C 86 -25.68 -28.28 -18.04
C SER C 86 -24.41 -27.95 -17.28
N GLU C 87 -23.34 -28.70 -17.53
CA GLU C 87 -22.08 -28.44 -16.86
C GLU C 87 -21.56 -27.06 -17.23
N ARG C 88 -22.00 -26.52 -18.36
CA ARG C 88 -21.58 -25.20 -18.79
C ARG C 88 -22.07 -24.15 -17.81
N ASP C 89 -23.26 -24.40 -17.24
CA ASP C 89 -23.83 -23.47 -16.28
C ASP C 89 -23.11 -23.57 -14.94
N ILE C 90 -22.74 -24.78 -14.56
CA ILE C 90 -22.02 -24.97 -13.31
C ILE C 90 -20.65 -24.28 -13.41
N ASN C 91 -19.99 -24.47 -14.54
CA ASN C 91 -18.66 -23.87 -14.74
C ASN C 91 -18.69 -22.35 -14.74
N LEU C 92 -19.62 -21.77 -15.49
CA LEU C 92 -19.71 -20.32 -15.54
C LEU C 92 -20.09 -19.77 -14.17
N ALA C 93 -21.00 -20.44 -13.48
CA ALA C 93 -21.41 -19.99 -12.15
C ALA C 93 -20.21 -20.02 -11.20
N SER C 94 -19.37 -21.03 -11.34
CA SER C 94 -18.20 -21.16 -10.48
C SER C 94 -17.23 -20.02 -10.76
N PHE C 95 -17.10 -19.64 -12.03
CA PHE C 95 -16.20 -18.55 -12.38
C PHE C 95 -16.77 -17.23 -11.87
N ILE C 96 -18.08 -17.07 -12.01
CA ILE C 96 -18.74 -15.87 -11.53
C ILE C 96 -18.51 -15.69 -10.03
N GLU C 97 -18.59 -16.79 -9.28
CA GLU C 97 -18.37 -16.74 -7.84
C GLU C 97 -16.96 -16.25 -7.53
N GLN C 98 -15.98 -16.75 -8.27
CA GLN C 98 -14.59 -16.37 -8.07
C GLN C 98 -14.38 -14.87 -8.25
N VAL C 99 -15.07 -14.28 -9.23
CA VAL C 99 -14.93 -12.85 -9.47
C VAL C 99 -15.66 -12.04 -8.41
N ALA C 100 -16.84 -12.48 -8.03
CA ALA C 100 -17.66 -11.78 -7.05
C ALA C 100 -16.99 -11.63 -5.68
N VAL C 101 -16.30 -12.67 -5.24
CA VAL C 101 -15.64 -12.62 -3.93
C VAL C 101 -14.50 -11.61 -3.90
N SER C 102 -14.10 -11.14 -5.08
CA SER C 102 -13.02 -10.17 -5.19
C SER C 102 -13.55 -8.74 -5.08
N MET C 103 -14.74 -8.51 -5.60
CA MET C 103 -15.35 -7.19 -5.57
C MET C 103 -15.82 -6.85 -4.16
N LYS D 4 -30.34 19.49 -9.52
CA LYS D 4 -31.60 18.95 -8.94
C LYS D 4 -32.50 18.41 -10.05
N ALA D 5 -32.59 17.08 -10.14
CA ALA D 5 -33.41 16.44 -11.15
C ALA D 5 -34.91 16.68 -10.93
N HIS D 6 -35.63 16.93 -12.01
CA HIS D 6 -37.06 17.18 -11.95
C HIS D 6 -37.74 16.49 -13.14
N ARG D 7 -38.85 15.81 -12.89
CA ARG D 7 -39.58 15.11 -13.93
C ARG D 7 -40.00 16.01 -15.08
N LEU D 8 -40.11 15.44 -16.27
CA LEU D 8 -40.51 16.18 -17.46
C LEU D 8 -41.98 16.59 -17.38
N SER D 9 -42.27 17.83 -17.75
CA SER D 9 -43.63 18.34 -17.74
C SER D 9 -44.34 17.80 -18.98
N ALA D 10 -45.63 18.09 -19.08
CA ALA D 10 -46.41 17.64 -20.22
C ALA D 10 -45.88 18.24 -21.51
N GLU D 11 -45.45 19.50 -21.44
CA GLU D 11 -44.93 20.21 -22.60
C GLU D 11 -43.63 19.60 -23.14
N GLU D 12 -42.66 19.39 -22.26
CA GLU D 12 -41.39 18.82 -22.67
C GLU D 12 -41.51 17.36 -23.11
N ARG D 13 -42.52 16.67 -22.62
CA ARG D 13 -42.73 15.28 -23.00
C ARG D 13 -43.20 15.23 -24.45
N ASP D 14 -44.11 16.15 -24.80
CA ASP D 14 -44.64 16.20 -26.15
C ASP D 14 -43.61 16.72 -27.15
N GLN D 15 -42.55 17.35 -26.63
CA GLN D 15 -41.52 17.91 -27.49
C GLN D 15 -40.26 17.04 -27.58
N LEU D 16 -40.02 16.22 -26.56
CA LEU D 16 -38.83 15.38 -26.53
C LEU D 16 -39.06 13.89 -26.78
N LEU D 17 -40.23 13.40 -26.40
CA LEU D 17 -40.51 11.97 -26.56
C LEU D 17 -40.78 11.51 -27.99
N PRO D 18 -41.60 12.26 -28.76
CA PRO D 18 -41.88 11.84 -30.13
C PRO D 18 -40.63 11.52 -30.93
N ASN D 19 -39.58 12.29 -30.69
N ASN D 19 -39.58 12.28 -30.71
CA ASN D 19 -38.31 12.10 -31.39
CA ASN D 19 -38.32 12.08 -31.41
C ASN D 19 -37.76 10.70 -31.07
C ASN D 19 -37.74 10.70 -31.08
N LEU D 20 -37.88 10.29 -29.81
CA LEU D 20 -37.39 9.00 -29.38
C LEU D 20 -38.33 7.87 -29.83
N ARG D 21 -39.64 8.13 -29.82
N ARG D 21 -39.63 8.15 -29.83
CA ARG D 21 -40.57 7.10 -30.30
CA ARG D 21 -40.59 7.14 -30.29
C ARG D 21 -40.30 6.83 -31.76
C ARG D 21 -40.30 6.84 -31.75
N ALA D 22 -39.93 7.88 -32.49
CA ALA D 22 -39.64 7.75 -33.91
C ALA D 22 -38.46 6.84 -34.19
N VAL D 23 -37.68 6.52 -33.16
CA VAL D 23 -36.54 5.62 -33.35
C VAL D 23 -36.65 4.31 -32.56
N GLY D 24 -37.85 4.00 -32.06
CA GLY D 24 -38.02 2.74 -31.38
C GLY D 24 -38.27 2.71 -29.88
N TRP D 25 -38.18 3.86 -29.21
CA TRP D 25 -38.43 3.88 -27.77
C TRP D 25 -39.92 3.97 -27.48
N ASN D 26 -40.35 3.23 -26.46
CA ASN D 26 -41.75 3.23 -26.04
C ASN D 26 -41.82 3.59 -24.57
N GLU D 27 -42.96 4.10 -24.14
CA GLU D 27 -43.12 4.41 -22.73
C GLU D 27 -43.48 3.09 -22.06
N LEU D 28 -42.93 2.86 -20.88
CA LEU D 28 -43.17 1.62 -20.16
C LEU D 28 -44.59 1.63 -19.60
N GLU D 29 -45.30 0.51 -19.76
CA GLU D 29 -46.66 0.43 -19.26
C GLU D 29 -46.63 0.31 -17.74
N GLY D 30 -47.40 1.16 -17.07
CA GLY D 30 -47.47 1.12 -15.62
C GLY D 30 -46.35 1.83 -14.87
N ARG D 31 -45.49 2.53 -15.59
CA ARG D 31 -44.40 3.25 -14.94
C ARG D 31 -43.89 4.40 -15.81
N ASP D 32 -43.51 5.49 -15.17
CA ASP D 32 -43.00 6.65 -15.91
C ASP D 32 -41.55 6.41 -16.30
N ALA D 33 -41.37 5.71 -17.41
CA ALA D 33 -40.04 5.38 -17.92
C ALA D 33 -40.17 5.01 -19.39
N ILE D 34 -39.04 4.95 -20.08
CA ILE D 34 -39.05 4.58 -21.48
C ILE D 34 -38.16 3.36 -21.64
N PHE D 35 -38.38 2.60 -22.70
CA PHE D 35 -37.58 1.40 -22.92
C PHE D 35 -37.43 1.11 -24.40
N LYS D 36 -36.41 0.33 -24.72
CA LYS D 36 -36.16 -0.08 -26.09
C LYS D 36 -35.27 -1.31 -26.09
N GLN D 37 -35.65 -2.27 -26.92
CA GLN D 37 -34.91 -3.51 -27.06
C GLN D 37 -33.96 -3.39 -28.24
N PHE D 38 -32.69 -3.70 -28.00
CA PHE D 38 -31.70 -3.66 -29.07
C PHE D 38 -31.27 -5.07 -29.42
N HIS D 39 -31.07 -5.31 -30.71
CA HIS D 39 -30.66 -6.62 -31.20
C HIS D 39 -29.40 -6.47 -32.04
N PHE D 40 -28.36 -7.19 -31.68
CA PHE D 40 -27.09 -7.14 -32.40
C PHE D 40 -26.84 -8.51 -33.02
N LYS D 41 -25.81 -8.62 -33.85
CA LYS D 41 -25.52 -9.91 -34.47
C LYS D 41 -25.03 -10.93 -33.44
N ASP D 42 -24.19 -10.48 -32.52
CA ASP D 42 -23.65 -11.38 -31.49
C ASP D 42 -23.41 -10.68 -30.15
N PHE D 43 -22.84 -11.41 -29.21
CA PHE D 43 -22.55 -10.88 -27.87
C PHE D 43 -21.41 -9.88 -27.93
N ASN D 44 -20.40 -10.17 -28.75
CA ASN D 44 -19.27 -9.26 -28.87
C ASN D 44 -19.78 -7.85 -29.13
N ARG D 45 -20.70 -7.73 -30.08
CA ARG D 45 -21.27 -6.43 -30.40
C ARG D 45 -22.14 -5.90 -29.27
N ALA D 46 -22.98 -6.76 -28.72
CA ALA D 46 -23.86 -6.35 -27.63
C ALA D 46 -23.08 -5.81 -26.42
N PHE D 47 -22.02 -6.50 -26.04
CA PHE D 47 -21.24 -6.04 -24.88
C PHE D 47 -20.37 -4.84 -25.21
N GLY D 48 -19.95 -4.72 -26.46
CA GLY D 48 -19.16 -3.56 -26.83
C GLY D 48 -20.08 -2.36 -26.69
N PHE D 49 -21.35 -2.56 -27.06
CA PHE D 49 -22.39 -1.53 -26.96
C PHE D 49 -22.56 -1.17 -25.49
N MET D 50 -22.69 -2.19 -24.64
CA MET D 50 -22.86 -1.96 -23.22
C MET D 50 -21.67 -1.21 -22.61
N SER D 51 -20.46 -1.56 -23.02
CA SER D 51 -19.26 -0.90 -22.51
C SER D 51 -19.28 0.59 -22.81
N ARG D 52 -19.64 0.97 -24.03
CA ARG D 52 -19.68 2.40 -24.37
C ARG D 52 -20.75 3.12 -23.56
N VAL D 53 -21.89 2.46 -23.35
CA VAL D 53 -22.95 3.09 -22.58
C VAL D 53 -22.54 3.19 -21.11
N ALA D 54 -21.84 2.17 -20.62
CA ALA D 54 -21.39 2.16 -19.23
C ALA D 54 -20.45 3.33 -18.94
N LEU D 55 -19.53 3.59 -19.87
CA LEU D 55 -18.59 4.70 -19.70
C LEU D 55 -19.36 6.01 -19.58
N GLN D 56 -20.35 6.17 -20.46
CA GLN D 56 -21.15 7.40 -20.45
C GLN D 56 -22.00 7.48 -19.19
N ALA D 57 -22.47 6.33 -18.71
CA ALA D 57 -23.29 6.30 -17.50
C ALA D 57 -22.50 6.87 -16.33
N GLU D 58 -21.23 6.50 -16.24
CA GLU D 58 -20.39 6.99 -15.17
C GLU D 58 -20.03 8.45 -15.38
N LYS D 59 -19.84 8.85 -16.64
CA LYS D 59 -19.52 10.24 -16.95
C LYS D 59 -20.67 11.14 -16.51
N LEU D 60 -21.90 10.67 -16.73
CA LEU D 60 -23.10 11.44 -16.40
C LEU D 60 -23.72 11.10 -15.04
N ASP D 61 -23.26 10.01 -14.45
CA ASP D 61 -23.81 9.54 -13.18
C ASP D 61 -25.31 9.29 -13.34
N HIS D 62 -25.67 8.63 -14.43
CA HIS D 62 -27.07 8.29 -14.70
C HIS D 62 -26.98 6.91 -15.34
N HIS D 63 -27.55 5.91 -14.67
CA HIS D 63 -27.44 4.54 -15.16
C HIS D 63 -28.69 3.88 -15.71
N PRO D 64 -28.52 3.00 -16.71
CA PRO D 64 -29.64 2.30 -17.31
C PRO D 64 -30.07 1.08 -16.49
N GLU D 65 -31.33 0.67 -16.67
CA GLU D 65 -31.83 -0.53 -16.03
C GLU D 65 -31.84 -1.44 -17.26
N TRP D 66 -30.88 -2.35 -17.35
CA TRP D 66 -30.84 -3.18 -18.54
C TRP D 66 -30.69 -4.67 -18.33
N PHE D 67 -31.20 -5.40 -19.32
CA PHE D 67 -31.17 -6.86 -19.33
C PHE D 67 -30.49 -7.33 -20.61
N ASN D 68 -29.52 -8.22 -20.48
CA ASN D 68 -28.81 -8.75 -21.64
C ASN D 68 -28.76 -10.26 -21.69
N VAL D 69 -29.00 -10.81 -22.87
CA VAL D 69 -28.92 -12.24 -23.12
C VAL D 69 -28.26 -12.38 -24.47
N TYR D 70 -26.99 -12.75 -24.46
CA TYR D 70 -26.21 -12.91 -25.69
C TYR D 70 -26.25 -11.65 -26.56
N ASN D 71 -26.91 -11.72 -27.70
CA ASN D 71 -26.97 -10.58 -28.62
C ASN D 71 -28.09 -9.57 -28.42
N LYS D 72 -28.86 -9.71 -27.35
CA LYS D 72 -29.95 -8.79 -27.08
C LYS D 72 -29.73 -7.95 -25.83
N VAL D 73 -30.07 -6.67 -25.91
CA VAL D 73 -29.93 -5.76 -24.78
C VAL D 73 -31.20 -4.95 -24.64
N HIS D 74 -31.90 -5.12 -23.53
CA HIS D 74 -33.14 -4.39 -23.29
C HIS D 74 -32.85 -3.27 -22.29
N ILE D 75 -33.15 -2.04 -22.69
CA ILE D 75 -32.88 -0.90 -21.83
C ILE D 75 -34.10 -0.12 -21.39
N THR D 76 -34.14 0.17 -20.09
CA THR D 76 -35.22 0.96 -19.51
C THR D 76 -34.55 2.16 -18.85
N LEU D 77 -35.11 3.34 -19.08
CA LEU D 77 -34.53 4.55 -18.52
C LEU D 77 -35.54 5.33 -17.70
N SER D 78 -35.10 5.76 -16.53
CA SER D 78 -35.93 6.56 -15.62
C SER D 78 -34.99 7.16 -14.58
N THR D 79 -35.41 8.26 -13.97
CA THR D 79 -34.59 8.93 -12.97
C THR D 79 -35.09 8.68 -11.56
N HIS D 80 -34.29 7.95 -10.78
CA HIS D 80 -34.65 7.61 -9.39
C HIS D 80 -34.90 8.86 -8.56
N GLU D 81 -34.03 9.84 -8.69
CA GLU D 81 -34.12 11.09 -7.93
C GLU D 81 -35.52 11.70 -7.91
N CYS D 82 -36.22 11.66 -9.05
CA CYS D 82 -37.55 12.23 -9.14
C CYS D 82 -38.63 11.21 -9.50
N ALA D 83 -38.32 9.93 -9.33
CA ALA D 83 -39.27 8.86 -9.63
C ALA D 83 -39.99 9.05 -10.96
N GLY D 84 -39.22 9.25 -12.03
CA GLY D 84 -39.82 9.43 -13.34
C GLY D 84 -38.84 9.91 -14.39
N LEU D 85 -39.34 10.17 -15.58
CA LEU D 85 -38.51 10.66 -16.68
C LEU D 85 -38.05 12.09 -16.47
N SER D 86 -36.77 12.34 -16.75
CA SER D 86 -36.21 13.67 -16.63
C SER D 86 -35.31 13.89 -17.84
N GLU D 87 -34.76 15.08 -17.98
CA GLU D 87 -33.88 15.38 -19.11
C GLU D 87 -32.69 14.42 -19.15
N ARG D 88 -32.36 13.83 -18.01
CA ARG D 88 -31.22 12.90 -17.95
C ARG D 88 -31.50 11.65 -18.77
N ASP D 89 -32.75 11.20 -18.77
CA ASP D 89 -33.13 10.02 -19.52
C ASP D 89 -33.13 10.34 -21.01
N ILE D 90 -33.61 11.53 -21.35
CA ILE D 90 -33.65 11.96 -22.74
C ILE D 90 -32.23 12.03 -23.29
N ASN D 91 -31.34 12.61 -22.50
CA ASN D 91 -29.94 12.75 -22.89
C ASN D 91 -29.22 11.41 -23.04
N LEU D 92 -29.43 10.51 -22.08
CA LEU D 92 -28.78 9.20 -22.16
C LEU D 92 -29.35 8.39 -23.33
N ALA D 93 -30.65 8.53 -23.59
CA ALA D 93 -31.26 7.81 -24.69
C ALA D 93 -30.64 8.28 -26.00
N SER D 94 -30.43 9.58 -26.11
CA SER D 94 -29.83 10.16 -27.32
C SER D 94 -28.44 9.58 -27.53
N PHE D 95 -27.67 9.46 -26.44
CA PHE D 95 -26.33 8.91 -26.53
C PHE D 95 -26.41 7.43 -26.92
N ILE D 96 -27.31 6.70 -26.28
CA ILE D 96 -27.46 5.28 -26.59
C ILE D 96 -27.77 5.12 -28.09
N GLU D 97 -28.62 5.98 -28.63
CA GLU D 97 -28.96 5.90 -30.04
C GLU D 97 -27.72 6.08 -30.92
N GLN D 98 -26.87 7.04 -30.57
CA GLN D 98 -25.65 7.28 -31.33
C GLN D 98 -24.79 6.02 -31.39
N VAL D 99 -24.62 5.36 -30.26
CA VAL D 99 -23.81 4.15 -30.21
C VAL D 99 -24.45 3.00 -30.97
N ALA D 100 -25.75 2.84 -30.86
CA ALA D 100 -26.45 1.76 -31.55
C ALA D 100 -26.32 1.89 -33.07
N VAL D 101 -26.56 3.09 -33.58
CA VAL D 101 -26.48 3.33 -35.02
C VAL D 101 -25.11 2.98 -35.60
N SER D 102 -24.05 3.17 -34.82
CA SER D 102 -22.71 2.88 -35.28
C SER D 102 -22.48 1.38 -35.45
N MET D 103 -23.39 0.57 -34.93
CA MET D 103 -23.26 -0.87 -35.02
C MET D 103 -24.40 -1.53 -35.81
N LYS E 4 -9.47 -7.29 19.77
CA LYS E 4 -10.11 -8.64 19.70
C LYS E 4 -9.07 -9.70 19.40
N ALA E 5 -9.05 -10.75 20.21
CA ALA E 5 -8.09 -11.84 20.05
C ALA E 5 -8.64 -13.02 19.26
N HIS E 6 -9.65 -12.77 18.43
CA HIS E 6 -10.23 -13.83 17.63
C HIS E 6 -9.81 -13.67 16.18
N ARG E 7 -9.65 -14.78 15.49
CA ARG E 7 -9.26 -14.78 14.08
C ARG E 7 -10.36 -14.08 13.29
N LEU E 8 -9.98 -13.09 12.48
CA LEU E 8 -10.94 -12.33 11.69
C LEU E 8 -11.82 -13.21 10.80
N SER E 9 -13.10 -12.85 10.72
CA SER E 9 -14.06 -13.58 9.91
C SER E 9 -13.94 -13.11 8.45
N ALA E 10 -14.66 -13.78 7.56
CA ALA E 10 -14.64 -13.42 6.15
C ALA E 10 -15.13 -11.99 5.97
N GLU E 11 -16.20 -11.65 6.70
CA GLU E 11 -16.77 -10.31 6.62
C GLU E 11 -15.78 -9.26 7.13
N GLU E 12 -15.19 -9.54 8.28
CA GLU E 12 -14.22 -8.61 8.88
C GLU E 12 -13.05 -8.35 7.95
N ARG E 13 -12.56 -9.41 7.30
CA ARG E 13 -11.45 -9.28 6.38
C ARG E 13 -11.81 -8.39 5.19
N ASP E 14 -13.03 -8.56 4.67
CA ASP E 14 -13.49 -7.75 3.54
C ASP E 14 -13.64 -6.29 3.94
N GLN E 15 -13.94 -6.04 5.21
CA GLN E 15 -14.12 -4.68 5.69
C GLN E 15 -12.85 -4.00 6.19
N LEU E 16 -11.85 -4.79 6.57
CA LEU E 16 -10.62 -4.22 7.12
C LEU E 16 -9.33 -4.35 6.30
N LEU E 17 -9.23 -5.39 5.47
CA LEU E 17 -8.02 -5.59 4.69
C LEU E 17 -7.85 -4.74 3.43
N PRO E 18 -8.94 -4.47 2.69
CA PRO E 18 -8.81 -3.67 1.47
C PRO E 18 -7.98 -2.39 1.58
N ASN E 19 -8.24 -1.59 2.61
CA ASN E 19 -7.50 -0.34 2.79
C ASN E 19 -6.01 -0.57 3.04
N LEU E 20 -5.68 -1.66 3.73
CA LEU E 20 -4.27 -1.96 3.98
C LEU E 20 -3.67 -2.54 2.71
N ARG E 21 -4.44 -3.34 2.00
CA ARG E 21 -3.98 -3.93 0.76
C ARG E 21 -3.63 -2.82 -0.23
N ALA E 22 -4.46 -1.78 -0.26
CA ALA E 22 -4.25 -0.67 -1.17
C ALA E 22 -2.93 0.06 -0.93
N VAL E 23 -2.41 0.00 0.30
CA VAL E 23 -1.14 0.67 0.57
C VAL E 23 0.07 -0.26 0.64
N GLY E 24 -0.07 -1.48 0.14
CA GLY E 24 1.07 -2.37 0.11
C GLY E 24 1.09 -3.63 0.94
N TRP E 25 0.09 -3.84 1.80
CA TRP E 25 0.08 -5.05 2.60
C TRP E 25 -0.51 -6.19 1.80
N ASN E 26 0.08 -7.37 1.98
CA ASN E 26 -0.37 -8.55 1.27
C ASN E 26 -0.54 -9.71 2.25
N GLU E 27 -1.31 -10.70 1.84
CA GLU E 27 -1.54 -11.86 2.69
C GLU E 27 -0.54 -12.94 2.29
N LEU E 28 0.07 -13.56 3.28
CA LEU E 28 1.05 -14.61 3.02
C LEU E 28 0.42 -15.87 2.48
N GLU E 29 1.14 -16.53 1.58
CA GLU E 29 0.68 -17.78 1.00
C GLU E 29 1.33 -18.85 1.87
N GLY E 30 0.53 -19.49 2.71
CA GLY E 30 1.07 -20.52 3.59
C GLY E 30 0.67 -20.31 5.04
N ARG E 31 0.33 -19.07 5.39
CA ARG E 31 -0.07 -18.76 6.76
C ARG E 31 -0.99 -17.56 6.79
N ASP E 32 -1.84 -17.50 7.81
CA ASP E 32 -2.77 -16.39 7.96
C ASP E 32 -2.06 -15.20 8.60
N ALA E 33 -1.49 -14.34 7.76
CA ALA E 33 -0.76 -13.17 8.24
C ALA E 33 -0.59 -12.20 7.09
N ILE E 34 -0.36 -10.92 7.41
CA ILE E 34 -0.14 -9.93 6.37
C ILE E 34 1.30 -9.44 6.47
N PHE E 35 1.82 -8.96 5.35
CA PHE E 35 3.19 -8.47 5.32
C PHE E 35 3.34 -7.31 4.36
N LYS E 36 4.41 -6.54 4.54
CA LYS E 36 4.72 -5.42 3.67
C LYS E 36 6.18 -5.07 3.82
N GLN E 37 6.83 -4.76 2.70
CA GLN E 37 8.23 -4.37 2.68
C GLN E 37 8.30 -2.85 2.66
N PHE E 38 9.01 -2.26 3.62
CA PHE E 38 9.14 -0.81 3.68
C PHE E 38 10.54 -0.43 3.23
N HIS E 39 10.67 0.74 2.61
CA HIS E 39 11.97 1.22 2.16
C HIS E 39 12.15 2.64 2.64
N PHE E 40 13.31 2.93 3.23
CA PHE E 40 13.60 4.27 3.72
C PHE E 40 14.90 4.73 3.06
N LYS E 41 15.23 6.00 3.24
CA LYS E 41 16.45 6.52 2.63
C LYS E 41 17.71 5.90 3.24
N ASP E 42 17.71 5.73 4.56
CA ASP E 42 18.88 5.17 5.24
C ASP E 42 18.50 4.40 6.49
N PHE E 43 19.50 3.93 7.23
CA PHE E 43 19.26 3.18 8.45
C PHE E 43 18.75 4.10 9.56
N ASN E 44 19.25 5.33 9.61
CA ASN E 44 18.79 6.25 10.63
C ASN E 44 17.26 6.34 10.62
N ARG E 45 16.68 6.51 9.45
CA ARG E 45 15.23 6.58 9.35
C ARG E 45 14.59 5.21 9.60
N ALA E 46 15.18 4.14 9.07
CA ALA E 46 14.62 2.80 9.24
C ALA E 46 14.54 2.44 10.72
N PHE E 47 15.60 2.75 11.46
CA PHE E 47 15.58 2.39 12.88
C PHE E 47 14.73 3.35 13.69
N GLY E 48 14.60 4.60 13.22
CA GLY E 48 13.76 5.55 13.93
C GLY E 48 12.34 5.00 13.83
N PHE E 49 12.02 4.49 12.65
CA PHE E 49 10.71 3.90 12.34
C PHE E 49 10.49 2.72 13.28
N MET E 50 11.48 1.83 13.34
CA MET E 50 11.38 0.67 14.22
C MET E 50 11.20 1.06 15.68
N SER E 51 11.89 2.11 16.13
N SER E 51 11.88 2.12 16.12
CA SER E 51 11.77 2.54 17.52
CA SER E 51 11.77 2.55 17.52
C SER E 51 10.34 2.99 17.85
C SER E 51 10.35 3.00 17.85
N ARG E 52 9.73 3.73 16.94
CA ARG E 52 8.37 4.20 17.17
C ARG E 52 7.40 3.01 17.15
N VAL E 53 7.63 2.05 16.26
CA VAL E 53 6.76 0.88 16.20
C VAL E 53 7.00 0.02 17.46
N ALA E 54 8.23 -0.04 17.92
CA ALA E 54 8.56 -0.83 19.12
C ALA E 54 7.83 -0.30 20.35
N LEU E 55 7.77 1.03 20.48
CA LEU E 55 7.08 1.63 21.62
C LEU E 55 5.60 1.23 21.59
N GLN E 56 4.99 1.28 20.40
CA GLN E 56 3.58 0.93 20.27
C GLN E 56 3.36 -0.57 20.50
N ALA E 57 4.34 -1.37 20.12
CA ALA E 57 4.22 -2.82 20.29
C ALA E 57 4.09 -3.14 21.78
N GLU E 58 4.86 -2.43 22.59
CA GLU E 58 4.82 -2.62 24.04
C GLU E 58 3.57 -1.99 24.63
N LYS E 59 3.08 -0.91 24.01
CA LYS E 59 1.88 -0.26 24.51
C LYS E 59 0.66 -1.18 24.31
N LEU E 60 0.61 -1.87 23.18
CA LEU E 60 -0.50 -2.76 22.84
C LEU E 60 -0.20 -4.23 23.14
N ASP E 61 1.04 -4.52 23.50
CA ASP E 61 1.49 -5.89 23.74
C ASP E 61 1.22 -6.78 22.53
N HIS E 62 1.55 -6.26 21.35
CA HIS E 62 1.39 -7.01 20.12
C HIS E 62 2.65 -6.69 19.33
N HIS E 63 3.38 -7.71 18.92
CA HIS E 63 4.66 -7.49 18.25
C HIS E 63 4.79 -7.91 16.81
N PRO E 64 5.60 -7.18 16.05
CA PRO E 64 5.79 -7.49 14.64
C PRO E 64 6.89 -8.51 14.41
N GLU E 65 6.82 -9.20 13.28
N GLU E 65 6.83 -9.19 13.27
CA GLU E 65 7.86 -10.15 12.90
CA GLU E 65 7.84 -10.14 12.87
C GLU E 65 8.57 -9.36 11.81
C GLU E 65 8.57 -9.35 11.80
N TRP E 66 9.74 -8.80 12.13
CA TRP E 66 10.44 -8.01 11.16
C TRP E 66 11.90 -8.28 10.88
N PHE E 67 12.26 -7.99 9.64
CA PHE E 67 13.61 -8.17 9.14
C PHE E 67 14.12 -6.84 8.61
N ASN E 68 15.28 -6.41 9.10
CA ASN E 68 15.87 -5.16 8.67
C ASN E 68 17.29 -5.32 8.15
N VAL E 69 17.56 -4.66 7.03
CA VAL E 69 18.89 -4.62 6.44
C VAL E 69 19.06 -3.18 6.02
N TYR E 70 19.87 -2.45 6.77
CA TYR E 70 20.15 -1.04 6.52
C TYR E 70 18.89 -0.19 6.37
N ASN E 71 18.52 0.18 5.15
CA ASN E 71 17.35 1.04 4.94
C ASN E 71 16.03 0.32 4.66
N LYS E 72 16.05 -1.01 4.67
CA LYS E 72 14.83 -1.76 4.40
C LYS E 72 14.28 -2.45 5.65
N VAL E 73 12.96 -2.46 5.78
CA VAL E 73 12.30 -3.13 6.90
C VAL E 73 11.09 -3.90 6.38
N HIS E 74 11.15 -5.22 6.53
CA HIS E 74 10.07 -6.11 6.09
C HIS E 74 9.28 -6.52 7.33
N ILE E 75 7.98 -6.31 7.30
CA ILE E 75 7.14 -6.62 8.45
C ILE E 75 6.04 -7.62 8.17
N THR E 76 5.91 -8.59 9.07
CA THR E 76 4.86 -9.59 8.97
C THR E 76 4.05 -9.51 10.26
N LEU E 77 2.74 -9.50 10.13
CA LEU E 77 1.88 -9.43 11.30
C LEU E 77 0.87 -10.58 11.38
N SER E 78 0.72 -11.11 12.59
N SER E 78 0.73 -11.13 12.58
CA SER E 78 -0.22 -12.19 12.85
CA SER E 78 -0.21 -12.19 12.84
C SER E 78 -0.35 -12.32 14.36
C SER E 78 -0.35 -12.32 14.36
N THR E 79 -1.46 -12.89 14.81
CA THR E 79 -1.71 -13.04 16.24
C THR E 79 -1.57 -14.49 16.70
N HIS E 80 -0.63 -14.71 17.61
CA HIS E 80 -0.36 -16.05 18.13
C HIS E 80 -1.53 -16.61 18.95
N GLU E 81 -2.23 -15.73 19.65
CA GLU E 81 -3.35 -16.15 20.49
C GLU E 81 -4.43 -16.90 19.72
N CYS E 82 -4.65 -16.53 18.47
CA CYS E 82 -5.65 -17.20 17.64
C CYS E 82 -5.03 -17.81 16.39
N ALA E 83 -3.70 -17.89 16.39
CA ALA E 83 -2.95 -18.45 15.27
C ALA E 83 -3.41 -17.91 13.92
N GLY E 84 -3.65 -16.60 13.86
CA GLY E 84 -4.10 -15.99 12.62
C GLY E 84 -4.32 -14.50 12.75
N LEU E 85 -4.87 -13.89 11.70
CA LEU E 85 -5.12 -12.44 11.71
C LEU E 85 -6.24 -12.03 12.65
N SER E 86 -6.02 -10.95 13.37
CA SER E 86 -7.02 -10.43 14.31
C SER E 86 -7.03 -8.91 14.23
N GLU E 87 -7.90 -8.28 14.99
CA GLU E 87 -7.98 -6.82 15.00
C GLU E 87 -6.65 -6.23 15.49
N ARG E 88 -5.89 -7.01 16.25
CA ARG E 88 -4.60 -6.52 16.75
C ARG E 88 -3.63 -6.27 15.60
N ASP E 89 -3.72 -7.08 14.56
CA ASP E 89 -2.86 -6.93 13.40
C ASP E 89 -3.31 -5.74 12.57
N ILE E 90 -4.62 -5.57 12.44
CA ILE E 90 -5.15 -4.46 11.67
C ILE E 90 -4.78 -3.13 12.33
N ASN E 91 -4.90 -3.08 13.67
CA ASN E 91 -4.57 -1.86 14.39
C ASN E 91 -3.08 -1.54 14.39
N LEU E 92 -2.24 -2.56 14.55
CA LEU E 92 -0.80 -2.30 14.54
C LEU E 92 -0.37 -1.90 13.12
N ALA E 93 -0.95 -2.56 12.12
CA ALA E 93 -0.61 -2.25 10.75
C ALA E 93 -0.99 -0.78 10.46
N SER E 94 -2.14 -0.38 10.97
N SER E 94 -2.14 -0.36 10.96
CA SER E 94 -2.63 0.99 10.78
CA SER E 94 -2.60 1.01 10.75
C SER E 94 -1.66 2.01 11.41
C SER E 94 -1.65 2.01 11.41
N PHE E 95 -1.18 1.70 12.61
CA PHE E 95 -0.26 2.57 13.30
C PHE E 95 1.06 2.63 12.53
N ILE E 96 1.52 1.48 12.07
CA ILE E 96 2.77 1.40 11.32
C ILE E 96 2.69 2.30 10.07
N GLU E 97 1.53 2.32 9.42
CA GLU E 97 1.38 3.15 8.24
C GLU E 97 1.52 4.64 8.59
N GLN E 98 1.00 5.03 9.76
CA GLN E 98 1.10 6.42 10.18
C GLN E 98 2.55 6.83 10.42
N VAL E 99 3.33 5.93 11.01
CA VAL E 99 4.74 6.22 11.27
C VAL E 99 5.53 6.30 9.97
N ALA E 100 5.28 5.36 9.06
CA ALA E 100 5.98 5.30 7.79
C ALA E 100 6.02 6.67 7.09
N VAL E 101 4.99 7.47 7.30
CA VAL E 101 4.91 8.80 6.72
C VAL E 101 5.90 9.78 7.36
N SER E 102 6.02 9.73 8.68
CA SER E 102 6.92 10.62 9.39
C SER E 102 8.37 10.33 9.01
N MET E 103 8.60 9.15 8.45
CA MET E 103 9.95 8.75 8.05
C MET E 103 10.14 8.90 6.55
N LYS F 4 39.38 1.25 2.81
CA LYS F 4 38.73 0.29 1.87
C LYS F 4 38.66 -1.10 2.50
N ALA F 5 37.46 -1.67 2.51
CA ALA F 5 37.24 -2.99 3.08
C ALA F 5 37.88 -4.10 2.27
N HIS F 6 38.35 -5.13 2.96
CA HIS F 6 38.98 -6.27 2.32
C HIS F 6 38.48 -7.57 2.97
N ARG F 7 38.12 -8.55 2.16
CA ARG F 7 37.64 -9.81 2.69
C ARG F 7 38.77 -10.48 3.45
N LEU F 8 38.43 -11.14 4.55
CA LEU F 8 39.42 -11.82 5.37
C LEU F 8 40.09 -12.94 4.58
N SER F 9 41.39 -13.11 4.79
CA SER F 9 42.13 -14.16 4.11
C SER F 9 41.89 -15.46 4.87
N ALA F 10 42.36 -16.57 4.31
CA ALA F 10 42.19 -17.87 4.95
C ALA F 10 42.86 -17.84 6.31
N GLU F 11 43.98 -17.13 6.40
CA GLU F 11 44.73 -17.03 7.65
C GLU F 11 43.97 -16.21 8.68
N GLU F 12 43.43 -15.06 8.26
CA GLU F 12 42.69 -14.19 9.16
C GLU F 12 41.44 -14.90 9.69
N ARG F 13 40.77 -15.66 8.83
CA ARG F 13 39.57 -16.38 9.22
C ARG F 13 39.88 -17.41 10.31
N ASP F 14 40.96 -18.16 10.12
CA ASP F 14 41.37 -19.17 11.09
C ASP F 14 41.80 -18.52 12.40
N GLN F 15 42.18 -17.26 12.32
CA GLN F 15 42.64 -16.52 13.49
C GLN F 15 41.54 -15.74 14.22
N LEU F 16 40.60 -15.16 13.46
CA LEU F 16 39.53 -14.36 14.06
C LEU F 16 38.18 -15.03 14.29
N LEU F 17 37.90 -16.13 13.59
CA LEU F 17 36.61 -16.80 13.74
C LEU F 17 36.45 -17.81 14.88
N PRO F 18 37.51 -18.53 15.25
CA PRO F 18 37.39 -19.52 16.33
C PRO F 18 36.67 -19.02 17.58
N ASN F 19 37.07 -17.85 18.07
CA ASN F 19 36.46 -17.29 19.26
C ASN F 19 34.96 -17.02 19.08
N LEU F 20 34.57 -16.62 17.88
CA LEU F 20 33.15 -16.36 17.63
C LEU F 20 32.37 -17.67 17.49
N ARG F 21 32.97 -18.67 16.84
CA ARG F 21 32.29 -19.96 16.68
C ARG F 21 32.05 -20.60 18.03
N ALA F 22 32.99 -20.40 18.95
CA ALA F 22 32.90 -20.95 20.29
C ALA F 22 31.64 -20.50 21.02
N VAL F 23 31.09 -19.36 20.62
CA VAL F 23 29.88 -18.83 21.27
C VAL F 23 28.63 -18.84 20.41
N GLY F 24 28.60 -19.68 19.37
CA GLY F 24 27.40 -19.77 18.55
C GLY F 24 27.39 -19.19 17.15
N TRP F 25 28.41 -18.43 16.77
CA TRP F 25 28.44 -17.88 15.43
C TRP F 25 28.84 -18.96 14.43
N ASN F 26 28.13 -19.03 13.31
CA ASN F 26 28.47 -20.02 12.29
C ASN F 26 28.54 -19.35 10.93
N GLU F 27 29.45 -19.82 10.10
CA GLU F 27 29.59 -19.29 8.76
C GLU F 27 28.46 -19.87 7.91
N LEU F 28 27.93 -19.08 7.01
CA LEU F 28 26.87 -19.58 6.14
C LEU F 28 27.54 -20.39 5.04
N GLU F 29 26.83 -21.39 4.53
CA GLU F 29 27.36 -22.22 3.45
C GLU F 29 26.61 -21.83 2.19
N GLY F 30 27.22 -21.00 1.37
CA GLY F 30 26.58 -20.54 0.15
C GLY F 30 26.67 -19.04 0.05
N ARG F 31 27.21 -18.44 1.11
CA ARG F 31 27.39 -17.01 1.19
C ARG F 31 28.51 -16.77 2.20
N ASP F 32 29.34 -15.76 1.95
CA ASP F 32 30.44 -15.46 2.86
C ASP F 32 29.90 -14.51 3.93
N ALA F 33 29.42 -15.08 5.02
CA ALA F 33 28.84 -14.30 6.11
C ALA F 33 28.73 -15.18 7.35
N ILE F 34 28.51 -14.57 8.50
CA ILE F 34 28.34 -15.34 9.73
C ILE F 34 26.97 -15.06 10.31
N PHE F 35 26.44 -16.06 11.01
CA PHE F 35 25.09 -15.96 11.56
C PHE F 35 24.97 -16.52 12.98
N LYS F 36 24.10 -15.91 13.78
CA LYS F 36 23.86 -16.38 15.14
C LYS F 36 22.50 -15.96 15.66
N GLN F 37 21.85 -16.86 16.38
CA GLN F 37 20.55 -16.59 16.96
C GLN F 37 20.68 -16.16 18.42
N PHE F 38 19.94 -15.12 18.82
CA PHE F 38 19.96 -14.66 20.20
C PHE F 38 18.54 -14.74 20.76
N HIS F 39 18.44 -15.07 22.05
CA HIS F 39 17.15 -15.16 22.71
C HIS F 39 17.20 -14.43 24.04
N PHE F 40 16.19 -13.61 24.29
CA PHE F 40 16.11 -12.84 25.53
C PHE F 40 14.84 -13.20 26.26
N LYS F 41 14.67 -12.71 27.48
CA LYS F 41 13.46 -13.04 28.24
C LYS F 41 12.22 -12.43 27.61
N ASP F 42 12.36 -11.22 27.06
CA ASP F 42 11.23 -10.55 26.42
C ASP F 42 11.66 -9.54 25.35
N PHE F 43 10.67 -8.84 24.79
CA PHE F 43 10.93 -7.85 23.74
C PHE F 43 11.62 -6.60 24.31
N ASN F 44 11.29 -6.23 25.54
CA ASN F 44 11.91 -5.06 26.15
C ASN F 44 13.44 -5.22 26.13
N ARG F 45 13.92 -6.40 26.51
CA ARG F 45 15.36 -6.67 26.51
C ARG F 45 15.88 -6.82 25.07
N ALA F 46 15.12 -7.52 24.25
CA ALA F 46 15.53 -7.75 22.86
C ALA F 46 15.68 -6.43 22.12
N PHE F 47 14.76 -5.50 22.32
CA PHE F 47 14.85 -4.24 21.63
C PHE F 47 15.89 -3.33 22.28
N GLY F 48 16.12 -3.50 23.57
CA GLY F 48 17.14 -2.71 24.25
C GLY F 48 18.46 -3.11 23.63
N PHE F 49 18.60 -4.41 23.41
CA PHE F 49 19.78 -4.97 22.77
C PHE F 49 19.91 -4.39 21.36
N MET F 50 18.82 -4.37 20.61
CA MET F 50 18.88 -3.84 19.25
C MET F 50 19.25 -2.35 19.20
N SER F 51 18.76 -1.58 20.16
N SER F 51 18.75 -1.57 20.16
CA SER F 51 19.05 -0.15 20.19
CA SER F 51 19.04 -0.14 20.18
C SER F 51 20.54 0.11 20.39
C SER F 51 20.53 0.12 20.39
N ARG F 52 21.16 -0.65 21.27
CA ARG F 52 22.58 -0.49 21.52
C ARG F 52 23.37 -0.88 20.29
N VAL F 53 22.94 -1.95 19.62
CA VAL F 53 23.63 -2.39 18.42
C VAL F 53 23.43 -1.40 17.27
N ALA F 54 22.24 -0.81 17.21
CA ALA F 54 21.92 0.16 16.16
C ALA F 54 22.83 1.38 16.28
N LEU F 55 23.03 1.85 17.52
CA LEU F 55 23.91 3.00 17.76
C LEU F 55 25.31 2.66 17.28
N GLN F 56 25.76 1.44 17.56
CA GLN F 56 27.11 1.03 17.16
C GLN F 56 27.20 0.89 15.64
N ALA F 57 26.11 0.48 15.00
CA ALA F 57 26.09 0.32 13.54
C ALA F 57 26.33 1.67 12.86
N GLU F 58 25.75 2.73 13.42
CA GLU F 58 25.94 4.05 12.85
C GLU F 58 27.31 4.60 13.22
N LYS F 59 27.83 4.25 14.39
CA LYS F 59 29.15 4.71 14.77
C LYS F 59 30.19 4.13 13.80
N LEU F 60 30.04 2.85 13.48
CA LEU F 60 30.97 2.15 12.59
C LEU F 60 30.55 2.13 11.12
N ASP F 61 29.34 2.58 10.84
CA ASP F 61 28.79 2.57 9.49
C ASP F 61 28.87 1.15 8.93
N HIS F 62 28.49 0.18 9.76
CA HIS F 62 28.46 -1.22 9.38
C HIS F 62 27.19 -1.76 10.00
N HIS F 63 26.27 -2.22 9.16
CA HIS F 63 24.99 -2.68 9.65
C HIS F 63 24.70 -4.17 9.56
N PRO F 64 23.90 -4.66 10.50
CA PRO F 64 23.55 -6.07 10.53
C PRO F 64 22.30 -6.37 9.70
N GLU F 65 22.15 -7.63 9.34
CA GLU F 65 20.96 -8.09 8.64
C GLU F 65 20.32 -8.83 9.78
N TRP F 66 19.21 -8.32 10.32
CA TRP F 66 18.60 -9.01 11.44
C TRP F 66 17.10 -9.14 11.44
N PHE F 67 16.67 -10.25 12.02
CA PHE F 67 15.28 -10.61 12.14
C PHE F 67 14.94 -10.58 13.62
N ASN F 68 13.74 -10.11 13.95
CA ASN F 68 13.29 -10.06 15.34
C ASN F 68 11.81 -10.35 15.43
N VAL F 69 11.45 -11.15 16.42
CA VAL F 69 10.05 -11.44 16.71
C VAL F 69 10.05 -11.57 18.22
N TYR F 70 9.40 -10.61 18.87
CA TYR F 70 9.31 -10.56 20.32
C TYR F 70 10.69 -10.65 20.99
N ASN F 71 10.98 -11.78 21.62
CA ASN F 71 12.24 -11.94 22.36
C ASN F 71 13.41 -12.56 21.58
N LYS F 72 13.21 -12.87 20.31
CA LYS F 72 14.25 -13.47 19.50
C LYS F 72 14.85 -12.51 18.48
N VAL F 73 16.17 -12.58 18.33
CA VAL F 73 16.88 -11.75 17.36
C VAL F 73 17.90 -12.62 16.63
N HIS F 74 17.75 -12.73 15.30
CA HIS F 74 18.67 -13.52 14.50
C HIS F 74 19.52 -12.57 13.67
N ILE F 75 20.84 -12.70 13.77
CA ILE F 75 21.75 -11.80 13.08
C ILE F 75 22.71 -12.42 12.08
N THR F 76 22.79 -11.81 10.89
CA THR F 76 23.71 -12.25 9.85
C THR F 76 24.63 -11.06 9.59
N LEU F 77 25.93 -11.33 9.53
CA LEU F 77 26.91 -10.26 9.28
C LEU F 77 27.78 -10.51 8.06
N SER F 78 27.91 -9.49 7.23
CA SER F 78 28.76 -9.56 6.05
C SER F 78 29.05 -8.12 5.61
N THR F 79 30.10 -7.93 4.81
CA THR F 79 30.46 -6.60 4.36
C THR F 79 30.14 -6.43 2.88
N HIS F 80 29.28 -5.46 2.59
CA HIS F 80 28.86 -5.19 1.21
C HIS F 80 30.00 -4.71 0.34
N GLU F 81 30.80 -3.79 0.88
CA GLU F 81 31.91 -3.21 0.14
C GLU F 81 32.86 -4.21 -0.50
N CYS F 82 33.10 -5.35 0.15
CA CYS F 82 34.00 -6.34 -0.41
C CYS F 82 33.31 -7.68 -0.67
N ALA F 83 31.98 -7.67 -0.61
CA ALA F 83 31.18 -8.87 -0.85
C ALA F 83 31.64 -10.09 -0.06
N GLY F 84 31.76 -9.93 1.26
CA GLY F 84 32.19 -11.05 2.09
C GLY F 84 32.55 -10.61 3.49
N LEU F 85 33.06 -11.54 4.28
CA LEU F 85 33.44 -11.23 5.66
C LEU F 85 34.70 -10.37 5.68
N SER F 86 34.70 -9.37 6.57
CA SER F 86 35.84 -8.49 6.73
C SER F 86 36.01 -8.24 8.22
N GLU F 87 37.04 -7.48 8.60
CA GLU F 87 37.28 -7.17 9.99
C GLU F 87 36.10 -6.43 10.61
N ARG F 88 35.34 -5.72 9.79
CA ARG F 88 34.17 -4.97 10.28
C ARG F 88 33.14 -5.94 10.87
N ASP F 89 33.04 -7.12 10.28
CA ASP F 89 32.09 -8.11 10.75
C ASP F 89 32.56 -8.73 12.06
N ILE F 90 33.86 -8.97 12.17
CA ILE F 90 34.43 -9.55 13.37
C ILE F 90 34.22 -8.58 14.54
N ASN F 91 34.50 -7.30 14.29
CA ASN F 91 34.35 -6.29 15.32
C ASN F 91 32.90 -6.09 15.77
N LEU F 92 31.97 -5.99 14.83
CA LEU F 92 30.58 -5.80 15.21
C LEU F 92 30.07 -7.05 15.94
N ALA F 93 30.51 -8.23 15.49
CA ALA F 93 30.08 -9.47 16.13
C ALA F 93 30.55 -9.50 17.58
N SER F 94 31.79 -9.06 17.82
CA SER F 94 32.34 -9.03 19.16
C SER F 94 31.57 -8.03 20.02
N PHE F 95 31.19 -6.91 19.43
CA PHE F 95 30.43 -5.89 20.14
C PHE F 95 29.06 -6.48 20.52
N ILE F 96 28.43 -7.14 19.55
CA ILE F 96 27.13 -7.76 19.77
C ILE F 96 27.17 -8.74 20.94
N GLU F 97 28.24 -9.53 21.02
CA GLU F 97 28.38 -10.48 22.11
C GLU F 97 28.33 -9.78 23.47
N GLN F 98 29.06 -8.68 23.57
CA GLN F 98 29.10 -7.90 24.80
C GLN F 98 27.74 -7.34 25.21
N VAL F 99 27.01 -6.80 24.24
CA VAL F 99 25.70 -6.25 24.55
C VAL F 99 24.70 -7.32 24.95
N ALA F 100 24.75 -8.46 24.26
CA ALA F 100 23.82 -9.56 24.53
C ALA F 100 23.83 -10.06 25.97
N VAL F 101 25.02 -10.22 26.56
CA VAL F 101 25.09 -10.70 27.93
C VAL F 101 24.75 -9.59 28.93
N SER F 102 24.79 -8.36 28.45
CA SER F 102 24.48 -7.20 29.29
C SER F 102 23.00 -6.85 29.20
N MET F 103 22.24 -7.71 28.51
CA MET F 103 20.80 -7.50 28.37
C MET F 103 20.03 -8.71 28.90
N ALA G 5 38.72 19.90 17.45
CA ALA G 5 37.61 20.86 17.22
C ALA G 5 38.02 22.26 17.65
N HIS G 6 37.53 23.28 16.93
CA HIS G 6 37.85 24.65 17.28
C HIS G 6 36.60 25.48 17.46
N ARG G 7 36.60 26.33 18.47
CA ARG G 7 35.47 27.20 18.77
C ARG G 7 35.24 28.17 17.61
N LEU G 8 33.98 28.33 17.22
CA LEU G 8 33.62 29.23 16.12
C LEU G 8 33.97 30.67 16.43
N SER G 9 34.46 31.38 15.42
CA SER G 9 34.81 32.78 15.56
C SER G 9 33.52 33.59 15.40
N ALA G 10 33.62 34.90 15.57
CA ALA G 10 32.45 35.76 15.42
C ALA G 10 31.95 35.72 13.98
N GLU G 11 32.88 35.64 13.04
CA GLU G 11 32.55 35.59 11.62
C GLU G 11 31.84 34.29 11.27
N GLU G 12 32.36 33.18 11.78
CA GLU G 12 31.75 31.87 11.51
C GLU G 12 30.34 31.81 12.06
N ARG G 13 30.11 32.45 13.20
CA ARG G 13 28.79 32.45 13.81
C ARG G 13 27.83 33.26 12.95
N ASP G 14 28.30 34.38 12.43
CA ASP G 14 27.44 35.21 11.58
C ASP G 14 27.05 34.40 10.35
N GLN G 15 27.93 33.51 9.93
CA GLN G 15 27.72 32.70 8.75
C GLN G 15 26.91 31.41 9.00
N LEU G 16 27.21 30.72 10.10
CA LEU G 16 26.56 29.46 10.41
C LEU G 16 25.33 29.43 11.32
N LEU G 17 25.12 30.47 12.11
CA LEU G 17 23.97 30.47 13.02
C LEU G 17 22.62 31.03 12.53
N PRO G 18 22.63 31.99 11.58
CA PRO G 18 21.36 32.53 11.11
C PRO G 18 20.24 31.54 10.80
N ASN G 19 20.53 30.50 10.03
CA ASN G 19 19.52 29.52 9.70
C ASN G 19 18.96 28.79 10.92
N LEU G 20 19.80 28.60 11.93
CA LEU G 20 19.36 27.92 13.15
C LEU G 20 18.60 28.91 14.03
N ARG G 21 19.07 30.15 14.09
CA ARG G 21 18.36 31.16 14.89
C ARG G 21 16.97 31.37 14.31
N ALA G 22 16.89 31.29 12.98
CA ALA G 22 15.64 31.49 12.25
C ALA G 22 14.54 30.50 12.65
N VAL G 23 14.95 29.34 13.15
CA VAL G 23 13.96 28.34 13.57
C VAL G 23 13.91 28.15 15.10
N GLY G 24 14.49 29.10 15.83
CA GLY G 24 14.42 29.03 17.28
C GLY G 24 15.63 28.67 18.12
N TRP G 25 16.79 28.40 17.53
CA TRP G 25 17.96 28.10 18.35
C TRP G 25 18.45 29.41 18.94
N ASN G 26 18.78 29.39 20.24
CA ASN G 26 19.27 30.57 20.94
C ASN G 26 20.64 30.33 21.54
N GLU G 27 21.47 31.37 21.51
CA GLU G 27 22.82 31.29 22.06
C GLU G 27 22.76 31.62 23.54
N LEU G 28 23.41 30.81 24.37
CA LEU G 28 23.44 31.10 25.80
C LEU G 28 24.54 32.14 26.01
N GLU G 29 24.42 32.93 27.06
CA GLU G 29 25.38 33.99 27.35
C GLU G 29 26.43 33.59 28.39
N GLY G 30 25.99 32.89 29.43
CA GLY G 30 26.89 32.48 30.50
C GLY G 30 27.86 31.37 30.14
N ARG G 31 27.47 30.58 29.14
CA ARG G 31 28.30 29.50 28.65
C ARG G 31 28.17 29.62 27.14
N ASP G 32 29.14 29.07 26.41
CA ASP G 32 29.08 29.16 24.95
C ASP G 32 28.39 27.91 24.42
N ALA G 33 27.09 28.05 24.14
CA ALA G 33 26.29 26.94 23.64
C ALA G 33 24.98 27.45 23.04
N ILE G 34 24.27 26.58 22.32
CA ILE G 34 22.99 26.95 21.75
C ILE G 34 21.93 25.97 22.24
N PHE G 35 20.69 26.44 22.35
CA PHE G 35 19.62 25.59 22.82
C PHE G 35 18.32 25.89 22.12
N LYS G 36 17.42 24.92 22.20
CA LYS G 36 16.09 25.06 21.62
C LYS G 36 15.17 24.02 22.22
N GLN G 37 13.93 24.42 22.45
CA GLN G 37 12.92 23.53 23.00
C GLN G 37 12.14 22.95 21.83
N PHE G 38 11.87 21.64 21.88
CA PHE G 38 11.11 20.97 20.83
C PHE G 38 9.82 20.44 21.44
N HIS G 39 8.76 20.44 20.63
N HIS G 39 8.77 20.41 20.63
CA HIS G 39 7.45 19.96 21.08
CA HIS G 39 7.47 19.97 21.08
C HIS G 39 6.90 18.96 20.06
C HIS G 39 6.86 18.99 20.08
N PHE G 40 6.31 17.88 20.55
CA PHE G 40 5.70 16.89 19.69
C PHE G 40 4.31 16.56 20.21
N LYS G 41 3.55 15.83 19.42
CA LYS G 41 2.19 15.48 19.84
C LYS G 41 2.19 14.56 21.05
N ASP G 42 3.09 13.59 21.07
CA ASP G 42 3.17 12.64 22.18
C ASP G 42 4.59 12.15 22.43
N PHE G 43 4.73 11.20 23.34
CA PHE G 43 6.05 10.63 23.68
C PHE G 43 6.53 9.68 22.59
N ASN G 44 5.62 8.98 21.92
CA ASN G 44 6.01 8.06 20.86
C ASN G 44 6.83 8.85 19.82
N ARG G 45 6.33 10.03 19.45
CA ARG G 45 7.05 10.86 18.50
C ARG G 45 8.30 11.48 19.11
N ALA G 46 8.19 11.99 20.33
CA ALA G 46 9.33 12.60 20.99
C ALA G 46 10.49 11.62 21.14
N PHE G 47 10.19 10.37 21.50
CA PHE G 47 11.27 9.41 21.66
C PHE G 47 11.76 8.90 20.31
N GLY G 48 10.88 8.88 19.32
CA GLY G 48 11.30 8.45 17.99
C GLY G 48 12.33 9.47 17.54
N PHE G 49 12.04 10.73 17.85
CA PHE G 49 12.90 11.86 17.53
C PHE G 49 14.24 11.65 18.24
N MET G 50 14.19 11.40 19.55
CA MET G 50 15.41 11.18 20.31
C MET G 50 16.24 10.00 19.80
N SER G 51 15.57 8.92 19.39
N SER G 51 15.57 8.93 19.37
CA SER G 51 16.29 7.76 18.88
CA SER G 51 16.30 7.76 18.87
C SER G 51 17.07 8.09 17.60
C SER G 51 17.07 8.09 17.60
N ARG G 52 16.45 8.81 16.69
CA ARG G 52 17.13 9.18 15.45
C ARG G 52 18.30 10.10 15.77
N VAL G 53 18.12 11.00 16.75
CA VAL G 53 19.19 11.91 17.13
C VAL G 53 20.31 11.15 17.85
N ALA G 54 19.95 10.13 18.61
CA ALA G 54 20.93 9.33 19.34
C ALA G 54 21.84 8.58 18.36
N LEU G 55 21.25 8.06 17.28
CA LEU G 55 22.02 7.35 16.26
C LEU G 55 23.04 8.32 15.66
N GLN G 56 22.58 9.53 15.34
CA GLN G 56 23.46 10.54 14.75
C GLN G 56 24.54 10.96 15.76
N ALA G 57 24.17 11.07 17.03
CA ALA G 57 25.14 11.45 18.05
C ALA G 57 26.32 10.48 18.06
N GLU G 58 26.04 9.19 17.91
CA GLU G 58 27.11 8.20 17.89
C GLU G 58 27.85 8.20 16.56
N LYS G 59 27.14 8.53 15.48
CA LYS G 59 27.79 8.59 14.17
C LYS G 59 28.83 9.71 14.17
N LEU G 60 28.49 10.83 14.81
CA LEU G 60 29.37 11.99 14.87
C LEU G 60 30.21 12.07 16.14
N ASP G 61 29.96 11.18 17.09
CA ASP G 61 30.63 11.19 18.38
C ASP G 61 30.50 12.58 18.99
N HIS G 62 29.28 13.10 18.98
CA HIS G 62 28.98 14.42 19.55
C HIS G 62 27.60 14.29 20.15
N HIS G 63 27.51 14.48 21.47
CA HIS G 63 26.25 14.29 22.18
C HIS G 63 25.53 15.50 22.72
N PRO G 64 24.20 15.43 22.71
CA PRO G 64 23.38 16.53 23.21
C PRO G 64 23.18 16.50 24.70
N GLU G 65 22.85 17.67 25.25
N GLU G 65 22.86 17.67 25.26
CA GLU G 65 22.53 17.81 26.67
CA GLU G 65 22.53 17.81 26.67
C GLU G 65 21.03 18.00 26.57
C GLU G 65 21.02 18.00 26.56
N TRP G 66 20.26 16.95 26.86
CA TRP G 66 18.82 17.08 26.73
C TRP G 66 17.92 16.61 27.86
N PHE G 67 16.76 17.26 27.91
CA PHE G 67 15.75 17.02 28.91
C PHE G 67 14.45 16.65 28.22
N ASN G 68 13.84 15.56 28.64
CA ASN G 68 12.58 15.11 28.07
C ASN G 68 11.54 14.85 29.14
N VAL G 69 10.33 15.31 28.85
CA VAL G 69 9.18 15.09 29.72
C VAL G 69 8.05 14.82 28.75
N TYR G 70 7.67 13.56 28.61
CA TYR G 70 6.60 13.15 27.72
C TYR G 70 6.82 13.65 26.28
N ASN G 71 6.05 14.63 25.82
CA ASN G 71 6.16 15.12 24.45
C ASN G 71 7.10 16.31 24.23
N LYS G 72 7.85 16.69 25.26
CA LYS G 72 8.76 17.81 25.13
C LYS G 72 10.21 17.41 25.26
N VAL G 73 11.05 17.99 24.40
CA VAL G 73 12.48 17.72 24.44
C VAL G 73 13.24 19.04 24.32
N HIS G 74 14.03 19.34 25.35
CA HIS G 74 14.84 20.56 25.40
C HIS G 74 16.28 20.14 25.11
N ILE G 75 16.89 20.76 24.11
CA ILE G 75 18.25 20.41 23.72
C ILE G 75 19.25 21.57 23.80
N THR G 76 20.39 21.29 24.42
CA THR G 76 21.47 22.28 24.55
C THR G 76 22.68 21.64 23.89
N LEU G 77 23.38 22.40 23.07
CA LEU G 77 24.54 21.89 22.36
C LEU G 77 25.80 22.71 22.56
N SER G 78 26.91 22.01 22.79
N SER G 78 26.90 22.02 22.82
CA SER G 78 28.19 22.68 22.95
CA SER G 78 28.19 22.68 23.00
C SER G 78 29.28 21.62 22.79
C SER G 78 29.29 21.62 22.82
N THR G 79 30.50 22.07 22.52
CA THR G 79 31.61 21.14 22.33
C THR G 79 32.60 21.21 23.48
N HIS G 80 32.73 20.09 24.18
CA HIS G 80 33.63 19.98 25.32
C HIS G 80 35.09 20.17 24.94
N GLU G 81 35.50 19.53 23.85
CA GLU G 81 36.88 19.59 23.36
C GLU G 81 37.46 21.01 23.25
N CYS G 82 36.64 21.96 22.81
CA CYS G 82 37.11 23.35 22.67
C CYS G 82 36.39 24.32 23.59
N ALA G 83 35.68 23.79 24.57
CA ALA G 83 34.94 24.58 25.55
C ALA G 83 34.06 25.65 24.91
N GLY G 84 33.31 25.27 23.89
CA GLY G 84 32.45 26.23 23.24
C GLY G 84 31.77 25.66 22.01
N LEU G 85 31.11 26.55 21.27
CA LEU G 85 30.40 26.18 20.07
C LEU G 85 31.37 25.87 18.93
N SER G 86 31.16 24.75 18.26
CA SER G 86 32.01 24.35 17.14
C SER G 86 31.12 23.92 15.98
N GLU G 87 31.73 23.55 14.86
CA GLU G 87 30.94 23.10 13.72
C GLU G 87 30.18 21.84 14.07
N ARG G 88 30.69 21.08 15.04
CA ARG G 88 30.03 19.85 15.45
C ARG G 88 28.62 20.15 15.94
N ASP G 89 28.47 21.28 16.63
CA ASP G 89 27.17 21.68 17.15
C ASP G 89 26.28 22.15 16.01
N ILE G 90 26.86 22.89 15.06
CA ILE G 90 26.08 23.35 13.92
C ILE G 90 25.56 22.15 13.14
N ASN G 91 26.45 21.18 12.89
CA ASN G 91 26.06 19.99 12.15
C ASN G 91 25.01 19.15 12.87
N LEU G 92 25.16 18.94 14.16
CA LEU G 92 24.15 18.16 14.88
C LEU G 92 22.83 18.91 14.96
N ALA G 93 22.88 20.23 15.17
CA ALA G 93 21.67 21.03 15.24
C ALA G 93 20.90 20.96 13.92
N SER G 94 21.63 21.00 12.80
CA SER G 94 21.00 20.96 11.49
C SER G 94 20.30 19.60 11.29
N PHE G 95 20.96 18.53 11.73
CA PHE G 95 20.36 17.20 11.61
C PHE G 95 19.11 17.12 12.49
N ILE G 96 19.19 17.64 13.70
CA ILE G 96 18.05 17.63 14.61
C ILE G 96 16.86 18.30 13.94
N GLU G 97 17.09 19.44 13.27
CA GLU G 97 15.99 20.14 12.60
C GLU G 97 15.34 19.27 11.52
N GLN G 98 16.13 18.53 10.77
CA GLN G 98 15.58 17.68 9.73
C GLN G 98 14.66 16.63 10.34
N VAL G 99 15.05 16.08 11.48
CA VAL G 99 14.23 15.07 12.15
C VAL G 99 12.98 15.69 12.77
N ALA G 100 13.16 16.83 13.42
CA ALA G 100 12.06 17.52 14.10
C ALA G 100 10.84 17.84 13.24
N VAL G 101 11.06 18.35 12.03
CA VAL G 101 9.94 18.71 11.17
C VAL G 101 9.21 17.53 10.55
N SER G 102 9.74 16.32 10.75
CA SER G 102 9.11 15.14 10.19
C SER G 102 7.88 14.73 10.99
N MET G 103 7.76 15.24 12.21
CA MET G 103 6.62 14.88 13.07
C MET G 103 5.93 16.08 13.71
N LYS H 4 -8.31 6.75 37.84
CA LYS H 4 -7.82 8.10 38.26
C LYS H 4 -6.65 7.98 39.22
N ALA H 5 -5.60 8.74 38.98
CA ALA H 5 -4.40 8.73 39.80
C ALA H 5 -4.69 9.17 41.24
N HIS H 6 -4.08 8.48 42.20
CA HIS H 6 -4.26 8.79 43.61
C HIS H 6 -2.88 8.94 44.26
N ARG H 7 -2.69 10.03 44.99
CA ARG H 7 -1.42 10.30 45.66
C ARG H 7 -1.23 9.31 46.81
N LEU H 8 0.01 8.84 46.99
CA LEU H 8 0.32 7.88 48.04
C LEU H 8 0.17 8.50 49.43
N SER H 9 -0.37 7.72 50.37
CA SER H 9 -0.55 8.17 51.73
C SER H 9 0.72 7.88 52.54
N ALA H 10 0.82 8.47 53.73
CA ALA H 10 1.98 8.29 54.59
C ALA H 10 2.25 6.80 54.80
N GLU H 11 1.17 6.02 54.89
CA GLU H 11 1.28 4.58 55.10
C GLU H 11 1.81 3.86 53.86
N GLU H 12 1.15 4.07 52.73
CA GLU H 12 1.56 3.44 51.48
C GLU H 12 3.02 3.78 51.22
N ARG H 13 3.39 5.01 51.53
CA ARG H 13 4.76 5.47 51.34
C ARG H 13 5.74 4.65 52.16
N ASP H 14 5.35 4.28 53.37
CA ASP H 14 6.24 3.49 54.22
C ASP H 14 6.37 2.04 53.75
N GLN H 15 5.44 1.60 52.90
CA GLN H 15 5.48 0.24 52.41
C GLN H 15 6.19 0.11 51.06
N LEU H 16 6.41 1.25 50.40
CA LEU H 16 7.04 1.23 49.09
C LEU H 16 8.27 2.12 48.92
N LEU H 17 8.25 3.32 49.51
CA LEU H 17 9.37 4.25 49.36
C LEU H 17 10.69 3.87 50.03
N PRO H 18 10.64 3.38 51.28
CA PRO H 18 11.89 3.00 51.95
C PRO H 18 12.74 2.07 51.09
N ASN H 19 12.09 1.09 50.47
CA ASN H 19 12.76 0.11 49.61
C ASN H 19 13.50 0.79 48.45
N LEU H 20 12.87 1.82 47.89
CA LEU H 20 13.49 2.56 46.78
C LEU H 20 14.56 3.50 47.33
N ARG H 21 14.27 4.11 48.48
CA ARG H 21 15.22 5.02 49.10
C ARG H 21 16.53 4.25 49.37
N ALA H 22 16.39 2.98 49.74
CA ALA H 22 17.55 2.15 50.04
C ALA H 22 18.45 1.92 48.84
N VAL H 23 17.93 2.09 47.62
CA VAL H 23 18.77 1.89 46.44
C VAL H 23 19.07 3.16 45.66
N GLY H 24 18.84 4.32 46.29
CA GLY H 24 19.16 5.58 45.62
C GLY H 24 18.09 6.60 45.31
N TRP H 25 16.82 6.25 45.45
CA TRP H 25 15.77 7.21 45.15
C TRP H 25 15.46 8.12 46.33
N ASN H 26 15.70 9.40 46.13
CA ASN H 26 15.47 10.40 47.17
C ASN H 26 14.34 11.34 46.78
N GLU H 27 13.70 11.92 47.79
CA GLU H 27 12.60 12.85 47.55
C GLU H 27 13.18 14.23 47.28
N LEU H 28 12.52 14.99 46.42
CA LEU H 28 12.97 16.34 46.10
C LEU H 28 12.40 17.35 47.08
N GLU H 29 13.15 18.42 47.32
CA GLU H 29 12.70 19.46 48.24
C GLU H 29 11.73 20.39 47.53
N GLY H 30 10.63 20.69 48.20
CA GLY H 30 9.63 21.59 47.63
C GLY H 30 8.76 20.96 46.57
N ARG H 31 8.84 19.64 46.43
CA ARG H 31 8.04 18.93 45.44
C ARG H 31 7.87 17.47 45.80
N ASP H 32 6.66 16.95 45.64
CA ASP H 32 6.39 15.55 45.95
C ASP H 32 6.80 14.70 44.75
N ALA H 33 8.08 14.35 44.69
CA ALA H 33 8.63 13.55 43.61
C ALA H 33 9.92 12.87 44.07
N ILE H 34 10.28 11.78 43.40
CA ILE H 34 11.52 11.09 43.75
C ILE H 34 12.51 11.26 42.62
N PHE H 35 13.78 11.15 42.96
CA PHE H 35 14.85 11.38 42.00
C PHE H 35 16.05 10.48 42.20
N LYS H 36 16.74 10.17 41.11
CA LYS H 36 17.94 9.35 41.15
C LYS H 36 18.83 9.57 39.94
N GLN H 37 20.14 9.60 40.18
CA GLN H 37 21.12 9.78 39.13
C GLN H 37 21.67 8.40 38.73
N PHE H 38 21.78 8.17 37.43
CA PHE H 38 22.32 6.91 36.91
C PHE H 38 23.48 7.22 35.98
N HIS H 39 24.67 6.70 36.30
CA HIS H 39 25.81 6.92 35.43
C HIS H 39 26.24 5.59 34.82
N PHE H 40 26.51 5.61 33.51
CA PHE H 40 26.95 4.42 32.81
C PHE H 40 28.33 4.66 32.25
N LYS H 41 28.91 3.65 31.60
CA LYS H 41 30.24 3.79 31.03
C LYS H 41 30.26 4.75 29.85
N ASP H 42 29.20 4.73 29.05
CA ASP H 42 29.13 5.61 27.87
C ASP H 42 27.69 5.89 27.45
N PHE H 43 27.53 6.62 26.35
CA PHE H 43 26.20 6.95 25.83
C PHE H 43 25.48 5.74 25.27
N ASN H 44 26.22 4.87 24.58
CA ASN H 44 25.63 3.67 24.01
C ASN H 44 24.85 2.93 25.09
N ARG H 45 25.45 2.77 26.26
CA ARG H 45 24.77 2.08 27.35
C ARG H 45 23.66 2.95 27.93
N ALA H 46 23.92 4.24 28.11
CA ALA H 46 22.92 5.14 28.67
C ALA H 46 21.67 5.19 27.80
N PHE H 47 21.84 5.24 26.49
CA PHE H 47 20.65 5.30 25.64
C PHE H 47 19.96 3.93 25.55
N GLY H 48 20.72 2.85 25.68
CA GLY H 48 20.11 1.53 25.65
C GLY H 48 19.19 1.45 26.85
N PHE H 49 19.68 1.98 27.98
CA PHE H 49 18.93 2.03 29.22
C PHE H 49 17.66 2.86 29.00
N MET H 50 17.82 4.04 28.40
CA MET H 50 16.66 4.88 28.13
C MET H 50 15.64 4.21 27.22
N SER H 51 16.12 3.48 26.21
N SER H 51 16.11 3.48 26.21
CA SER H 51 15.22 2.81 25.28
CA SER H 51 15.20 2.82 25.28
C SER H 51 14.34 1.78 25.99
C SER H 51 14.34 1.80 26.00
N ARG H 52 14.93 1.04 26.91
CA ARG H 52 14.17 0.04 27.66
C ARG H 52 13.16 0.72 28.59
N VAL H 53 13.55 1.83 29.18
CA VAL H 53 12.64 2.56 30.08
C VAL H 53 11.52 3.19 29.26
N ALA H 54 11.86 3.66 28.05
CA ALA H 54 10.87 4.29 27.17
C ALA H 54 9.77 3.30 26.80
N LEU H 55 10.15 2.09 26.44
CA LEU H 55 9.19 1.05 26.09
C LEU H 55 8.23 0.83 27.27
N GLN H 56 8.76 0.74 28.48
CA GLN H 56 7.93 0.51 29.65
C GLN H 56 7.05 1.72 29.94
N ALA H 57 7.57 2.92 29.69
CA ALA H 57 6.81 4.14 29.92
C ALA H 57 5.54 4.11 29.05
N GLU H 58 5.66 3.59 27.83
CA GLU H 58 4.50 3.51 26.96
C GLU H 58 3.60 2.37 27.38
N LYS H 59 4.18 1.30 27.92
CA LYS H 59 3.39 0.16 28.37
C LYS H 59 2.53 0.60 29.56
N LEU H 60 3.10 1.43 30.42
CA LEU H 60 2.40 1.92 31.62
C LEU H 60 1.72 3.26 31.44
N ASP H 61 2.00 3.92 30.31
CA ASP H 61 1.48 5.25 30.04
C ASP H 61 1.82 6.19 31.19
N HIS H 62 3.06 6.12 31.64
CA HIS H 62 3.55 6.98 32.69
C HIS H 62 4.97 7.31 32.26
N HIS H 63 5.31 8.59 32.22
CA HIS H 63 6.62 8.98 31.72
C HIS H 63 7.55 9.68 32.68
N PRO H 64 8.85 9.40 32.54
CA PRO H 64 9.85 10.01 33.41
C PRO H 64 10.24 11.42 33.00
N GLU H 65 10.70 12.19 33.97
N GLU H 65 10.68 12.22 33.96
CA GLU H 65 11.17 13.55 33.74
CA GLU H 65 11.16 13.56 33.68
C GLU H 65 12.67 13.31 33.77
C GLU H 65 12.66 13.34 33.76
N TRP H 66 13.29 13.17 32.60
CA TRP H 66 14.70 12.90 32.58
C TRP H 66 15.65 13.74 31.77
N PHE H 67 16.86 13.80 32.28
CA PHE H 67 17.94 14.56 31.68
C PHE H 67 19.07 13.59 31.35
N ASN H 68 19.67 13.79 30.19
CA ASN H 68 20.78 12.96 29.78
C ASN H 68 21.85 13.76 29.07
N VAL H 69 23.10 13.46 29.38
CA VAL H 69 24.25 14.04 28.73
C VAL H 69 25.29 12.93 28.72
N TYR H 70 25.57 12.45 27.51
CA TYR H 70 26.50 11.36 27.28
C TYR H 70 26.17 10.12 28.13
N ASN H 71 27.00 9.81 29.13
CA ASN H 71 26.79 8.62 29.98
C ASN H 71 25.90 8.84 31.19
N LYS H 72 25.40 10.05 31.40
CA LYS H 72 24.58 10.35 32.56
C LYS H 72 23.09 10.49 32.29
N VAL H 73 22.29 9.90 33.18
CA VAL H 73 20.83 9.95 33.07
C VAL H 73 20.27 10.26 34.46
N HIS H 74 19.63 11.41 34.60
CA HIS H 74 19.04 11.83 35.87
C HIS H 74 17.54 11.71 35.73
N ILE H 75 16.91 10.95 36.62
CA ILE H 75 15.48 10.72 36.52
C ILE H 75 14.65 11.22 37.68
N THR H 76 13.59 11.97 37.36
CA THR H 76 12.68 12.47 38.36
C THR H 76 11.32 11.86 38.03
N LEU H 77 10.66 11.34 39.06
CA LEU H 77 9.35 10.72 38.87
C LEU H 77 8.30 11.35 39.75
N SER H 78 7.15 11.64 39.15
CA SER H 78 6.02 12.22 39.85
C SER H 78 4.81 12.10 38.94
N THR H 79 3.62 12.10 39.53
CA THR H 79 2.39 11.99 38.78
C THR H 79 1.69 13.35 38.82
N HIS H 80 1.61 14.02 37.68
CA HIS H 80 0.98 15.34 37.64
C HIS H 80 -0.54 15.29 37.74
N GLU H 81 -1.12 14.14 37.42
CA GLU H 81 -2.57 13.99 37.49
C GLU H 81 -3.05 14.20 38.92
N CYS H 82 -2.22 13.83 39.89
CA CYS H 82 -2.57 13.97 41.30
C CYS H 82 -1.55 14.84 42.03
N ALA H 83 -0.77 15.59 41.25
CA ALA H 83 0.25 16.47 41.78
C ALA H 83 1.07 15.84 42.90
N GLY H 84 1.68 14.69 42.62
CA GLY H 84 2.48 14.02 43.63
C GLY H 84 2.84 12.60 43.28
N LEU H 85 3.36 11.88 44.25
CA LEU H 85 3.76 10.49 44.04
C LEU H 85 2.57 9.54 44.08
N SER H 86 2.57 8.60 43.14
CA SER H 86 1.51 7.61 43.05
C SER H 86 2.14 6.26 42.79
N GLU H 87 1.32 5.22 42.78
CA GLU H 87 1.81 3.87 42.55
C GLU H 87 2.49 3.80 41.18
N ARG H 88 2.08 4.67 40.27
CA ARG H 88 2.66 4.69 38.93
C ARG H 88 4.15 5.01 39.03
N ASP H 89 4.52 5.92 39.91
CA ASP H 89 5.91 6.30 40.08
C ASP H 89 6.68 5.14 40.72
N ILE H 90 6.05 4.49 41.69
CA ILE H 90 6.68 3.36 42.36
C ILE H 90 6.93 2.26 41.34
N ASN H 91 5.91 2.00 40.53
N ASN H 91 5.92 1.98 40.53
CA ASN H 91 6.00 0.96 39.52
CA ASN H 91 6.03 0.94 39.52
C ASN H 91 7.11 1.22 38.52
C ASN H 91 7.13 1.22 38.51
N LEU H 92 7.15 2.44 37.98
CA LEU H 92 8.16 2.79 37.00
C LEU H 92 9.56 2.81 37.63
N ALA H 93 9.66 3.30 38.86
CA ALA H 93 10.95 3.34 39.54
C ALA H 93 11.50 1.92 39.73
N SER H 94 10.62 0.99 40.10
CA SER H 94 11.05 -0.39 40.32
C SER H 94 11.49 -1.03 39.02
N PHE H 95 10.84 -0.66 37.92
CA PHE H 95 11.22 -1.20 36.63
C PHE H 95 12.59 -0.66 36.23
N ILE H 96 12.78 0.64 36.44
CA ILE H 96 14.05 1.28 36.11
C ILE H 96 15.18 0.58 36.87
N GLU H 97 14.94 0.25 38.14
CA GLU H 97 15.94 -0.45 38.92
C GLU H 97 16.30 -1.79 38.28
N GLN H 98 15.29 -2.53 37.81
CA GLN H 98 15.55 -3.81 37.18
C GLN H 98 16.45 -3.63 35.97
N VAL H 99 16.18 -2.61 35.16
CA VAL H 99 16.98 -2.37 33.97
C VAL H 99 18.42 -2.02 34.34
N ALA H 100 18.58 -1.11 35.29
CA ALA H 100 19.90 -0.68 35.74
C ALA H 100 20.70 -1.86 36.31
N VAL H 101 20.03 -2.69 37.10
CA VAL H 101 20.69 -3.85 37.71
C VAL H 101 21.14 -4.85 36.65
N SER H 102 20.27 -5.12 35.68
CA SER H 102 20.57 -6.07 34.61
C SER H 102 21.67 -5.57 33.68
N MET H 103 21.91 -4.26 33.67
CA MET H 103 22.95 -3.70 32.81
C MET H 103 24.24 -3.48 33.57
S SO4 I . -6.04 16.28 -18.27
O1 SO4 I . -6.98 15.90 -19.35
O2 SO4 I . -4.83 15.42 -18.36
O3 SO4 I . -5.65 17.69 -18.42
O4 SO4 I . -6.70 16.08 -16.97
C1 GOL J . 10.77 3.16 -14.43
O1 GOL J . 11.49 4.38 -14.51
C2 GOL J . 10.43 2.67 -15.84
O2 GOL J . 9.70 3.69 -16.53
C3 GOL J . 11.73 2.39 -16.59
O3 GOL J . 11.43 1.94 -17.91
S SO4 K . 0.11 -16.77 -28.96
O1 SO4 K . -1.15 -17.04 -29.68
O2 SO4 K . 1.08 -17.86 -29.22
O3 SO4 K . 0.67 -15.49 -29.41
O4 SO4 K . -0.16 -16.70 -27.51
S SO4 L . -25.53 -22.44 -25.00
O1 SO4 L . -25.33 -21.45 -26.08
O2 SO4 L . -26.14 -23.66 -25.56
O3 SO4 L . -24.22 -22.77 -24.41
O4 SO4 L . -26.41 -21.88 -23.96
C1 GOL M . -20.29 -11.81 -3.94
O1 GOL M . -20.89 -10.59 -3.53
C2 GOL M . -20.87 -12.97 -3.13
O2 GOL M . -22.29 -13.03 -3.32
C3 GOL M . -20.25 -14.29 -3.60
O3 GOL M . -20.81 -15.38 -2.87
S SO4 N . -30.47 9.25 -11.12
O1 SO4 N . -29.94 10.20 -12.11
O2 SO4 N . -31.30 8.23 -11.79
O3 SO4 N . -29.34 8.58 -10.45
O4 SO4 N . -31.29 9.98 -10.13
C1 GOL O . -20.78 -8.71 -39.82
O1 GOL O . -20.13 -9.79 -40.51
C2 GOL O . -22.19 -8.50 -40.38
O2 GOL O . -22.95 -9.70 -40.22
C3 GOL O . -22.86 -7.36 -39.60
O3 GOL O . -24.20 -7.18 -40.08
S SO4 P . -0.39 -11.91 20.38
O1 SO4 P . -1.11 -10.63 20.52
O2 SO4 P . 0.13 -12.06 19.01
O3 SO4 P . 0.71 -11.95 21.35
O4 SO4 P . -1.33 -13.03 20.67
C1 GOL Q . -4.12 3.32 -2.08
O1 GOL Q . -5.44 3.83 -2.32
C2 GOL Q . -3.10 4.20 -2.79
O2 GOL Q . -3.17 5.51 -2.24
C3 GOL Q . -1.69 3.65 -2.58
O3 GOL Q . -1.37 3.69 -1.18
S SO4 R . 29.59 -2.26 4.59
O1 SO4 R . 28.67 -1.13 4.53
O2 SO4 R . 28.82 -3.51 4.75
O3 SO4 R . 30.36 -2.33 3.32
O4 SO4 R . 30.53 -2.10 5.71
C1 GOL S . 38.46 -7.59 -2.48
O1 GOL S . 38.82 -8.90 -2.93
C2 GOL S . 38.71 -7.49 -0.97
O2 GOL S . 37.97 -8.51 -0.31
C3 GOL S . 40.20 -7.69 -0.70
O3 GOL S . 40.61 -8.99 -1.14
S SO4 T . 32.70 16.86 22.12
O1 SO4 T . 32.50 16.65 20.67
O2 SO4 T . 32.65 15.54 22.80
O3 SO4 T . 34.01 17.48 22.36
O4 SO4 T . 31.64 17.70 22.67
C1 GOL U . 1.25 21.08 26.65
O1 GOL U . 2.20 20.60 27.62
C2 GOL U . 1.35 20.24 25.38
O2 GOL U . 1.06 18.88 25.69
C3 GOL U . 0.33 20.75 24.35
O3 GOL U . 0.42 19.97 23.16
C1 GOL V . 1.64 12.46 12.67
O1 GOL V . 0.52 13.10 13.27
C2 GOL V . 2.75 13.48 12.43
O2 GOL V . 3.17 14.01 13.69
C3 GOL V . 3.95 12.81 11.77
O3 GOL V . 4.46 11.79 12.63
C1 GOL W . 32.07 12.37 22.90
O1 GOL W . 31.09 13.14 23.61
C2 GOL W . 32.65 11.29 23.83
O2 GOL W . 33.59 10.51 23.11
C3 GOL W . 33.33 11.96 25.02
O3 GOL W . 32.39 12.75 25.75
S SO4 X . 0.69 11.00 34.74
O1 SO4 X . 0.60 11.43 33.32
O2 SO4 X . 0.65 9.53 34.79
O3 SO4 X . 1.96 11.49 35.33
O4 SO4 X . -0.44 11.56 35.49
#